data_5ZOV
#
_entry.id   5ZOV
#
_cell.length_a   107.336
_cell.length_b   107.336
_cell.length_c   113.288
_cell.angle_alpha   90.00
_cell.angle_beta   90.00
_cell.angle_gamma   120.00
#
_symmetry.space_group_name_H-M   'P 32'
#
loop_
_entity.id
_entity.type
_entity.pdbx_description
1 polymer 'PTS ascorbate-specific subunit IIBC'
2 non-polymer 'ASCORBIC ACID'
3 non-polymer 'CALCIUM ION'
#
_entity_poly.entity_id   1
_entity_poly.type   'polypeptide(L)'
_entity_poly.pdbx_seq_one_letter_code
;METLYNLFLSFNNQVLSKAPFLLGIVACIGYILLKKDTTTVIKGTIKTIVGFMIVQAGSGFLVANFKPIIEGLSKYHNLT
GAVIDPYTSMQATIQTMADNYAWVGYAVILALFLNILLVVCRRITGIRTIMLTGHIMFQQAGLVAVFYMIIGASMWETVI
YTAVLMALYWGISSNIMYKPTQAVTGGAGFSIGHQQQIASWIAVKLAPKLGDKNDTVDKMKLPKWLHIFHDSISATALVM
TVFFGIILLSFGLDNLQQMAGKTHWFMYIFEMGLKFAVAIQIIVTGVRMFVAELSEAFKGISERVIPNSVLAIDCAAIYA
FSPNAMVFGFMWGAIGQFVAVGLLLGFSSPILIIPGFIPMFFSNATIGVFANQFGGWKSVMKICFIMGIIEVLGSAWVIH
LLATQGTTFNGWMGMADWALFFPPILQGIVSIPGFFFVLLTLAIVYMVFASKQLRSEEAAAAALG
;
_entity_poly.pdbx_strand_id   A,B
#
# COMPACT_ATOMS: atom_id res chain seq x y z
N ASP A 37 25.71 -13.34 9.36
CA ASP A 37 24.63 -12.45 8.96
C ASP A 37 23.75 -12.10 10.15
N THR A 38 23.28 -13.15 10.84
CA THR A 38 22.39 -13.11 12.01
C THR A 38 21.43 -11.91 12.07
N THR A 39 21.95 -10.68 12.00
CA THR A 39 21.10 -9.50 12.09
C THR A 39 20.18 -9.40 10.88
N THR A 40 20.73 -9.54 9.68
CA THR A 40 19.92 -9.48 8.47
C THR A 40 18.89 -10.59 8.41
N VAL A 41 19.06 -11.65 9.22
CA VAL A 41 18.06 -12.71 9.27
C VAL A 41 16.80 -12.22 9.96
N ILE A 42 16.94 -11.65 11.16
CA ILE A 42 15.78 -11.12 11.86
C ILE A 42 15.22 -9.91 11.12
N LYS A 43 16.08 -9.14 10.45
CA LYS A 43 15.60 -8.06 9.60
C LYS A 43 14.69 -8.61 8.51
N GLY A 44 15.17 -9.62 7.77
CA GLY A 44 14.37 -10.19 6.70
C GLY A 44 13.08 -10.83 7.21
N THR A 45 13.13 -11.43 8.40
CA THR A 45 11.92 -11.98 8.99
C THR A 45 10.90 -10.89 9.27
N ILE A 46 11.35 -9.78 9.85
CA ILE A 46 10.46 -8.63 10.05
C ILE A 46 9.90 -8.16 8.72
N LYS A 47 10.72 -8.19 7.66
CA LYS A 47 10.26 -7.77 6.34
C LYS A 47 9.13 -8.66 5.84
N THR A 48 9.33 -9.97 5.89
CA THR A 48 8.30 -10.89 5.41
C THR A 48 7.03 -10.76 6.23
N ILE A 49 7.16 -10.62 7.55
CA ILE A 49 5.98 -10.44 8.40
C ILE A 49 5.22 -9.19 7.98
N VAL A 50 5.92 -8.06 7.88
CA VAL A 50 5.29 -6.81 7.46
C VAL A 50 4.56 -7.00 6.14
N GLY A 51 5.23 -7.62 5.16
CA GLY A 51 4.58 -7.90 3.90
C GLY A 51 3.30 -8.70 4.07
N PHE A 52 3.30 -9.63 5.02
CA PHE A 52 2.10 -10.43 5.25
C PHE A 52 0.98 -9.60 5.86
N MET A 53 1.30 -8.66 6.75
CA MET A 53 0.24 -7.79 7.27
C MET A 53 -0.28 -6.84 6.20
N ILE A 54 0.55 -6.45 5.24
CA ILE A 54 0.04 -5.69 4.11
C ILE A 54 -0.90 -6.55 3.28
N VAL A 55 -0.55 -7.83 3.09
CA VAL A 55 -1.46 -8.77 2.43
C VAL A 55 -2.79 -8.82 3.16
N GLN A 56 -2.76 -8.90 4.49
CA GLN A 56 -4.00 -8.93 5.25
C GLN A 56 -4.77 -7.62 5.13
N ALA A 57 -4.06 -6.49 4.98
CA ALA A 57 -4.75 -5.22 4.80
C ALA A 57 -5.51 -5.19 3.48
N GLY A 58 -4.82 -5.50 2.38
CA GLY A 58 -5.51 -5.57 1.10
C GLY A 58 -6.61 -6.61 1.07
N SER A 59 -6.43 -7.71 1.81
CA SER A 59 -7.46 -8.74 1.87
C SER A 59 -8.69 -8.25 2.62
N GLY A 60 -8.49 -7.62 3.78
CA GLY A 60 -9.61 -7.06 4.50
C GLY A 60 -10.36 -6.00 3.71
N PHE A 61 -9.62 -5.11 3.04
CA PHE A 61 -10.26 -4.13 2.18
C PHE A 61 -11.06 -4.80 1.07
N LEU A 62 -10.50 -5.88 0.49
CA LEU A 62 -11.15 -6.56 -0.62
C LEU A 62 -12.45 -7.23 -0.19
N VAL A 63 -12.35 -8.15 0.76
CA VAL A 63 -13.54 -8.90 1.20
C VAL A 63 -14.55 -7.96 1.85
N ALA A 64 -14.06 -6.95 2.58
CA ALA A 64 -14.97 -6.00 3.22
C ALA A 64 -15.69 -5.14 2.20
N ASN A 65 -15.07 -4.91 1.03
CA ASN A 65 -15.70 -4.08 0.01
C ASN A 65 -16.52 -4.87 -1.00
N PHE A 66 -16.32 -6.18 -1.10
CA PHE A 66 -17.02 -6.98 -2.11
C PHE A 66 -17.79 -8.16 -1.53
N LYS A 67 -17.95 -8.23 -0.20
CA LYS A 67 -18.79 -9.27 0.37
C LYS A 67 -20.26 -9.08 0.00
N PRO A 68 -20.86 -7.89 0.09
CA PRO A 68 -22.29 -7.77 -0.24
C PRO A 68 -22.62 -7.93 -1.71
N ILE A 69 -21.62 -8.02 -2.60
CA ILE A 69 -21.91 -8.25 -4.01
C ILE A 69 -22.16 -9.73 -4.27
N ILE A 70 -21.30 -10.60 -3.75
CA ILE A 70 -21.52 -12.03 -3.88
C ILE A 70 -22.66 -12.48 -2.97
N GLU A 71 -22.70 -11.94 -1.73
CA GLU A 71 -23.86 -12.16 -0.89
C GLU A 71 -25.14 -11.64 -1.54
N GLY A 72 -25.02 -10.59 -2.35
CA GLY A 72 -26.13 -10.18 -3.18
C GLY A 72 -26.44 -11.18 -4.28
N LEU A 73 -25.41 -11.88 -4.78
CA LEU A 73 -25.65 -12.95 -5.72
C LEU A 73 -26.31 -14.15 -5.06
N SER A 74 -26.29 -14.22 -3.72
CA SER A 74 -27.08 -15.22 -3.02
C SER A 74 -28.56 -14.85 -3.01
N LYS A 75 -28.88 -13.63 -2.61
CA LYS A 75 -30.27 -13.15 -2.52
C LYS A 75 -30.76 -12.59 -3.86
N TYR A 76 -30.56 -13.34 -4.92
CA TYR A 76 -31.02 -12.93 -6.25
C TYR A 76 -31.11 -14.13 -7.18
N HIS A 77 -29.99 -14.50 -7.79
CA HIS A 77 -29.96 -15.64 -8.71
C HIS A 77 -28.93 -16.67 -8.27
N ASN A 78 -28.28 -17.32 -9.23
CA ASN A 78 -27.30 -18.34 -8.91
C ASN A 78 -26.04 -17.72 -8.31
N LEU A 79 -25.53 -18.36 -7.26
CA LEU A 79 -24.37 -17.85 -6.54
C LEU A 79 -23.10 -18.05 -7.36
N THR A 80 -22.06 -17.30 -6.99
CA THR A 80 -20.73 -17.35 -7.61
C THR A 80 -20.74 -16.88 -9.06
N GLY A 81 -20.04 -15.77 -9.33
CA GLY A 81 -19.32 -15.04 -8.31
C GLY A 81 -17.91 -15.54 -8.05
N ALA A 82 -17.07 -15.49 -9.07
CA ALA A 82 -15.69 -15.92 -8.95
C ALA A 82 -14.80 -15.01 -9.80
N VAL A 83 -13.56 -14.83 -9.34
CA VAL A 83 -12.63 -13.88 -9.94
C VAL A 83 -11.45 -14.66 -10.49
N ILE A 84 -11.35 -14.72 -11.82
CA ILE A 84 -10.16 -15.27 -12.47
C ILE A 84 -9.01 -14.29 -12.31
N ASP A 85 -8.10 -14.58 -11.38
CA ASP A 85 -7.01 -13.70 -11.00
C ASP A 85 -6.12 -14.40 -9.98
N PRO A 86 -4.79 -14.34 -10.14
CA PRO A 86 -3.92 -15.10 -9.21
C PRO A 86 -3.90 -14.53 -7.81
N TYR A 87 -3.84 -13.20 -7.67
CA TYR A 87 -3.75 -12.61 -6.33
C TYR A 87 -5.06 -12.74 -5.56
N THR A 88 -6.20 -12.67 -6.25
CA THR A 88 -7.47 -12.88 -5.55
C THR A 88 -7.61 -14.32 -5.10
N SER A 89 -7.15 -15.27 -5.92
CA SER A 89 -7.14 -16.66 -5.49
C SER A 89 -6.16 -16.89 -4.34
N MET A 90 -5.10 -16.09 -4.27
CA MET A 90 -4.19 -16.20 -3.13
C MET A 90 -4.84 -15.62 -1.87
N GLN A 91 -5.62 -14.55 -2.03
CA GLN A 91 -6.35 -13.98 -0.90
C GLN A 91 -7.39 -14.97 -0.37
N ALA A 92 -8.17 -15.57 -1.29
CA ALA A 92 -9.14 -16.59 -0.89
C ALA A 92 -8.45 -17.81 -0.31
N THR A 93 -7.23 -18.12 -0.77
CA THR A 93 -6.47 -19.22 -0.18
C THR A 93 -6.11 -18.91 1.27
N ILE A 94 -5.58 -17.71 1.53
CA ILE A 94 -5.28 -17.29 2.88
C ILE A 94 -6.54 -17.27 3.74
N GLN A 95 -7.68 -16.97 3.13
CA GLN A 95 -8.95 -16.97 3.87
C GLN A 95 -9.34 -18.38 4.27
N THR A 96 -9.56 -19.26 3.28
CA THR A 96 -9.95 -20.65 3.54
C THR A 96 -8.81 -21.50 4.07
N MET A 97 -7.69 -20.91 4.46
CA MET A 97 -6.65 -21.65 5.16
C MET A 97 -6.31 -21.08 6.52
N ALA A 98 -6.60 -19.80 6.76
CA ALA A 98 -6.45 -19.15 8.07
C ALA A 98 -5.05 -19.34 8.65
N ASP A 99 -4.98 -19.99 9.81
CA ASP A 99 -3.71 -20.23 10.48
C ASP A 99 -2.97 -21.45 9.95
N ASN A 100 -3.50 -22.10 8.91
CA ASN A 100 -2.85 -23.24 8.29
C ASN A 100 -2.18 -22.88 6.97
N TYR A 101 -1.98 -21.60 6.68
CA TYR A 101 -1.26 -21.19 5.48
C TYR A 101 0.22 -21.47 5.58
N ALA A 102 0.74 -21.76 6.77
CA ALA A 102 2.14 -22.13 6.91
C ALA A 102 2.43 -23.43 6.17
N TRP A 103 1.42 -24.28 5.99
CA TRP A 103 1.59 -25.49 5.18
C TRP A 103 2.01 -25.16 3.76
N VAL A 104 1.56 -24.02 3.24
CA VAL A 104 1.99 -23.57 1.91
C VAL A 104 3.49 -23.28 1.93
N GLY A 105 3.99 -22.66 3.00
CA GLY A 105 5.41 -22.42 3.11
C GLY A 105 6.21 -23.71 3.22
N TYR A 106 5.72 -24.66 4.03
CA TYR A 106 6.38 -25.95 4.14
C TYR A 106 6.45 -26.64 2.78
N ALA A 107 5.35 -26.65 2.04
CA ALA A 107 5.34 -27.30 0.73
C ALA A 107 6.20 -26.55 -0.28
N VAL A 108 6.31 -25.23 -0.15
CA VAL A 108 7.17 -24.46 -1.04
C VAL A 108 8.63 -24.82 -0.80
N ILE A 109 9.04 -24.87 0.48
CA ILE A 109 10.43 -25.19 0.79
C ILE A 109 10.76 -26.63 0.41
N LEU A 110 9.86 -27.56 0.73
CA LEU A 110 10.11 -28.96 0.40
C LEU A 110 10.15 -29.18 -1.11
N ALA A 111 9.21 -28.57 -1.84
CA ALA A 111 9.23 -28.66 -3.29
C ALA A 111 10.51 -28.06 -3.86
N LEU A 112 10.96 -26.95 -3.28
CA LEU A 112 12.25 -26.38 -3.69
C LEU A 112 13.38 -27.37 -3.51
N PHE A 113 13.42 -28.03 -2.34
CA PHE A 113 14.44 -29.03 -2.09
C PHE A 113 14.37 -30.17 -3.10
N LEU A 114 13.16 -30.60 -3.46
CA LEU A 114 13.02 -31.68 -4.43
C LEU A 114 13.51 -31.25 -5.81
N ASN A 115 13.21 -30.01 -6.22
CA ASN A 115 13.73 -29.50 -7.49
C ASN A 115 15.25 -29.43 -7.45
N ILE A 116 15.82 -29.01 -6.32
CA ILE A 116 17.27 -28.98 -6.17
C ILE A 116 17.84 -30.38 -6.32
N LEU A 117 17.15 -31.39 -5.78
CA LEU A 117 17.61 -32.77 -5.97
C LEU A 117 17.54 -33.17 -7.43
N LEU A 118 16.45 -32.80 -8.12
CA LEU A 118 16.29 -33.16 -9.52
C LEU A 118 17.36 -32.51 -10.40
N VAL A 119 17.82 -31.31 -10.04
CA VAL A 119 18.88 -30.68 -10.82
C VAL A 119 20.24 -31.24 -10.42
N VAL A 120 20.43 -31.59 -9.15
CA VAL A 120 21.68 -32.23 -8.73
C VAL A 120 21.86 -33.56 -9.45
N CYS A 121 20.78 -34.33 -9.57
CA CYS A 121 20.79 -35.58 -10.34
C CYS A 121 20.28 -35.34 -11.76
N ARG A 122 20.83 -34.33 -12.42
CA ARG A 122 20.40 -33.99 -13.78
C ARG A 122 20.80 -35.07 -14.79
N ARG A 123 21.79 -35.89 -14.47
CA ARG A 123 22.25 -36.91 -15.42
C ARG A 123 21.26 -38.06 -15.53
N ILE A 124 20.59 -38.42 -14.45
CA ILE A 124 19.64 -39.53 -14.44
C ILE A 124 18.20 -39.05 -14.46
N THR A 125 17.97 -37.74 -14.61
CA THR A 125 16.60 -37.21 -14.67
C THR A 125 16.42 -36.34 -15.90
N GLY A 126 17.49 -35.76 -16.41
CA GLY A 126 17.40 -34.86 -17.54
C GLY A 126 16.70 -33.55 -17.20
N ILE A 127 16.89 -33.04 -15.99
CA ILE A 127 16.24 -31.83 -15.53
C ILE A 127 17.32 -30.77 -15.34
N ARG A 128 17.33 -29.78 -16.23
CA ARG A 128 18.28 -28.66 -16.16
C ARG A 128 17.69 -27.44 -15.47
N THR A 129 16.40 -27.17 -15.66
CA THR A 129 15.81 -25.94 -15.17
C THR A 129 15.49 -26.02 -13.69
N ILE A 130 15.45 -24.85 -13.06
CA ILE A 130 15.08 -24.72 -11.65
C ILE A 130 14.22 -23.47 -11.48
N MET A 131 13.04 -23.64 -10.89
CA MET A 131 12.15 -22.52 -10.63
C MET A 131 12.62 -21.76 -9.39
N LEU A 132 12.76 -20.45 -9.52
CA LEU A 132 13.13 -19.61 -8.40
C LEU A 132 12.21 -18.41 -8.19
N THR A 133 11.27 -18.16 -9.09
CA THR A 133 10.29 -17.10 -8.91
C THR A 133 9.42 -17.41 -7.70
N GLY A 134 9.68 -16.75 -6.58
CA GLY A 134 9.10 -17.19 -5.31
C GLY A 134 7.61 -17.01 -5.22
N HIS A 135 7.08 -15.89 -5.75
CA HIS A 135 5.65 -15.62 -5.59
C HIS A 135 4.81 -16.56 -6.44
N ILE A 136 5.32 -16.98 -7.60
CA ILE A 136 4.66 -18.03 -8.37
C ILE A 136 4.65 -19.34 -7.58
N MET A 137 5.75 -19.63 -6.89
CA MET A 137 5.82 -20.83 -6.07
C MET A 137 4.76 -20.79 -4.97
N PHE A 138 4.65 -19.66 -4.26
CA PHE A 138 3.67 -19.56 -3.18
C PHE A 138 2.25 -19.58 -3.70
N GLN A 139 2.00 -19.01 -4.88
CA GLN A 139 0.65 -19.06 -5.45
C GLN A 139 0.27 -20.47 -5.86
N GLN A 140 1.15 -21.15 -6.59
CA GLN A 140 0.86 -22.49 -7.09
C GLN A 140 0.73 -23.49 -5.94
N ALA A 141 1.74 -23.56 -5.08
CA ALA A 141 1.66 -24.43 -3.92
C ALA A 141 0.52 -24.02 -3.00
N GLY A 142 0.13 -22.74 -3.02
CA GLY A 142 -1.00 -22.30 -2.23
C GLY A 142 -2.31 -22.87 -2.73
N LEU A 143 -2.52 -22.85 -4.05
CA LEU A 143 -3.78 -23.37 -4.58
C LEU A 143 -3.83 -24.89 -4.54
N VAL A 144 -2.71 -25.55 -4.83
CA VAL A 144 -2.68 -27.01 -4.73
C VAL A 144 -2.88 -27.44 -3.28
N ALA A 145 -2.20 -26.77 -2.35
CA ALA A 145 -2.36 -27.13 -0.94
C ALA A 145 -3.78 -26.86 -0.46
N VAL A 146 -4.38 -25.75 -0.88
CA VAL A 146 -5.75 -25.45 -0.46
C VAL A 146 -6.75 -26.40 -1.10
N PHE A 147 -6.42 -26.98 -2.26
CA PHE A 147 -7.25 -28.05 -2.81
C PHE A 147 -7.09 -29.32 -2.01
N TYR A 148 -5.86 -29.66 -1.61
CA TYR A 148 -5.63 -30.84 -0.79
C TYR A 148 -6.11 -30.66 0.64
N MET A 149 -6.50 -29.46 1.04
CA MET A 149 -7.17 -29.23 2.32
C MET A 149 -8.68 -29.21 2.19
N ILE A 150 -9.21 -28.53 1.16
CA ILE A 150 -10.65 -28.50 0.93
C ILE A 150 -11.19 -29.91 0.73
N ILE A 151 -10.39 -30.80 0.11
CA ILE A 151 -10.83 -32.18 -0.05
C ILE A 151 -10.79 -32.94 1.28
N GLY A 152 -10.00 -32.46 2.25
CA GLY A 152 -10.01 -33.02 3.59
C GLY A 152 -8.78 -33.81 4.01
N ALA A 153 -7.68 -33.73 3.25
CA ALA A 153 -6.49 -34.47 3.63
C ALA A 153 -5.82 -33.83 4.85
N SER A 154 -4.86 -34.54 5.42
CA SER A 154 -4.19 -34.09 6.64
C SER A 154 -3.13 -33.05 6.29
N MET A 155 -2.32 -32.69 7.29
CA MET A 155 -1.24 -31.73 7.05
C MET A 155 -0.12 -32.37 6.24
N TRP A 156 0.36 -33.54 6.68
CA TRP A 156 1.50 -34.17 6.02
C TRP A 156 1.14 -34.63 4.61
N GLU A 157 -0.10 -35.08 4.41
CA GLU A 157 -0.51 -35.50 3.07
C GLU A 157 -0.56 -34.32 2.11
N THR A 158 -1.13 -33.20 2.56
CA THR A 158 -1.20 -32.01 1.73
C THR A 158 0.20 -31.46 1.44
N VAL A 159 1.07 -31.43 2.44
CA VAL A 159 2.42 -30.89 2.25
C VAL A 159 3.22 -31.78 1.30
N ILE A 160 3.14 -33.10 1.50
CA ILE A 160 3.92 -34.02 0.67
C ILE A 160 3.41 -34.00 -0.76
N TYR A 161 2.10 -34.17 -0.96
CA TYR A 161 1.56 -34.22 -2.31
C TYR A 161 1.74 -32.89 -3.03
N THR A 162 1.54 -31.78 -2.32
CA THR A 162 1.73 -30.47 -2.93
C THR A 162 3.18 -30.25 -3.32
N ALA A 163 4.13 -30.63 -2.45
CA ALA A 163 5.54 -30.46 -2.76
C ALA A 163 5.95 -31.33 -3.94
N VAL A 164 5.42 -32.55 -4.04
CA VAL A 164 5.76 -33.43 -5.14
C VAL A 164 5.20 -32.89 -6.45
N LEU A 165 3.90 -32.56 -6.46
CA LEU A 165 3.29 -32.05 -7.69
C LEU A 165 3.93 -30.74 -8.13
N MET A 166 4.28 -29.87 -7.18
CA MET A 166 4.92 -28.61 -7.54
C MET A 166 6.34 -28.83 -8.05
N ALA A 167 7.08 -29.76 -7.44
CA ALA A 167 8.44 -30.04 -7.91
C ALA A 167 8.43 -30.63 -9.32
N LEU A 168 7.54 -31.57 -9.57
CA LEU A 168 7.46 -32.20 -10.88
C LEU A 168 6.92 -31.23 -11.93
N TYR A 169 5.96 -30.38 -11.55
CA TYR A 169 5.42 -29.42 -12.50
C TYR A 169 6.44 -28.34 -12.86
N TRP A 170 7.17 -27.83 -11.86
CA TRP A 170 8.17 -26.81 -12.13
C TRP A 170 9.33 -27.38 -12.92
N GLY A 171 9.91 -28.49 -12.45
CA GLY A 171 11.07 -29.05 -13.13
C GLY A 171 10.75 -29.60 -14.50
N ILE A 172 9.64 -30.33 -14.63
CA ILE A 172 9.29 -30.93 -15.91
C ILE A 172 8.74 -29.90 -16.87
N SER A 173 7.81 -29.06 -16.40
CA SER A 173 7.21 -28.07 -17.28
C SER A 173 8.23 -27.01 -17.71
N SER A 174 9.10 -26.59 -16.80
CA SER A 174 10.12 -25.62 -17.17
C SER A 174 11.23 -26.25 -18.00
N ASN A 175 11.55 -27.52 -17.72
CA ASN A 175 12.54 -28.24 -18.53
C ASN A 175 12.03 -28.54 -19.93
N ILE A 176 10.71 -28.60 -20.12
CA ILE A 176 10.16 -28.82 -21.45
C ILE A 176 10.35 -27.59 -22.32
N MET A 177 10.13 -26.40 -21.76
CA MET A 177 10.17 -25.17 -22.52
C MET A 177 11.56 -24.54 -22.61
N TYR A 178 12.61 -25.32 -22.36
CA TYR A 178 13.96 -24.76 -22.41
C TYR A 178 14.36 -24.45 -23.85
N LYS A 179 14.41 -25.47 -24.70
CA LYS A 179 14.85 -25.26 -26.08
C LYS A 179 13.97 -24.29 -26.85
N PRO A 180 12.63 -24.38 -26.82
CA PRO A 180 11.83 -23.35 -27.51
C PRO A 180 12.05 -21.95 -26.98
N THR A 181 12.35 -21.82 -25.68
CA THR A 181 12.70 -20.50 -25.16
C THR A 181 14.03 -20.03 -25.73
N GLN A 182 14.98 -20.95 -25.92
CA GLN A 182 16.24 -20.59 -26.56
C GLN A 182 16.03 -20.19 -28.01
N ALA A 183 15.02 -20.76 -28.67
CA ALA A 183 14.72 -20.36 -30.05
C ALA A 183 14.03 -19.00 -30.08
N VAL A 184 13.16 -18.71 -29.11
CA VAL A 184 12.48 -17.42 -29.07
C VAL A 184 13.44 -16.32 -28.67
N THR A 185 14.22 -16.55 -27.62
CA THR A 185 15.14 -15.56 -27.09
C THR A 185 16.49 -15.58 -27.80
N GLY A 186 16.62 -16.34 -28.88
CA GLY A 186 17.89 -16.43 -29.57
C GLY A 186 19.01 -17.05 -28.76
N GLY A 187 18.69 -17.99 -27.88
CA GLY A 187 19.68 -18.63 -27.06
C GLY A 187 20.18 -17.77 -25.91
N ALA A 188 19.27 -17.08 -25.23
CA ALA A 188 19.67 -16.21 -24.13
C ALA A 188 20.08 -16.97 -22.88
N GLY A 189 19.90 -18.29 -22.87
CA GLY A 189 20.41 -19.11 -21.79
C GLY A 189 19.48 -19.30 -20.61
N PHE A 190 18.17 -19.11 -20.79
CA PHE A 190 17.22 -19.30 -19.70
C PHE A 190 15.97 -19.97 -20.25
N SER A 191 15.15 -20.48 -19.34
CA SER A 191 13.85 -21.05 -19.64
C SER A 191 12.77 -20.18 -19.02
N ILE A 192 11.54 -20.69 -19.04
CA ILE A 192 10.38 -19.97 -18.51
C ILE A 192 9.83 -20.72 -17.32
N GLY A 193 9.67 -20.02 -16.20
CA GLY A 193 9.04 -20.59 -15.03
C GLY A 193 7.88 -19.72 -14.57
N HIS A 194 6.69 -19.99 -15.10
CA HIS A 194 5.54 -19.16 -14.80
C HIS A 194 4.27 -20.01 -14.65
N GLN A 195 3.24 -19.72 -15.45
CA GLN A 195 1.93 -20.33 -15.26
C GLN A 195 1.34 -20.91 -16.54
N GLN A 196 2.13 -21.07 -17.61
CA GLN A 196 1.58 -21.55 -18.88
C GLN A 196 2.58 -22.41 -19.65
N GLN A 197 3.49 -23.08 -18.95
CA GLN A 197 4.52 -23.88 -19.63
C GLN A 197 3.90 -24.99 -20.46
N ILE A 198 2.90 -25.68 -19.91
CA ILE A 198 2.27 -26.77 -20.65
C ILE A 198 1.47 -26.22 -21.83
N ALA A 199 0.70 -25.16 -21.61
CA ALA A 199 0.02 -24.51 -22.72
C ALA A 199 1.00 -23.95 -23.74
N SER A 200 2.19 -23.54 -23.27
CA SER A 200 3.22 -23.10 -24.20
C SER A 200 3.79 -24.28 -24.99
N TRP A 201 3.76 -25.48 -24.42
CA TRP A 201 4.21 -26.66 -25.16
C TRP A 201 3.17 -27.07 -26.21
N ILE A 202 1.90 -27.07 -25.83
CA ILE A 202 0.83 -27.36 -26.78
C ILE A 202 0.78 -26.30 -27.87
N ALA A 203 1.19 -25.07 -27.54
CA ALA A 203 1.27 -24.03 -28.56
C ALA A 203 2.49 -24.21 -29.45
N VAL A 204 3.62 -24.63 -28.87
CA VAL A 204 4.84 -24.84 -29.65
C VAL A 204 4.64 -25.97 -30.66
N LYS A 205 4.00 -27.06 -30.23
CA LYS A 205 3.80 -28.18 -31.15
C LYS A 205 2.56 -28.00 -32.02
N LEU A 206 1.56 -27.27 -31.54
CA LEU A 206 0.34 -27.01 -32.30
C LEU A 206 0.50 -25.87 -33.30
N ALA A 207 1.59 -25.10 -33.20
CA ALA A 207 1.75 -23.88 -33.98
C ALA A 207 2.26 -24.09 -35.40
N PRO A 208 3.28 -24.93 -35.65
CA PRO A 208 3.82 -25.02 -37.01
C PRO A 208 2.82 -25.47 -38.05
N LYS A 209 1.73 -26.14 -37.64
CA LYS A 209 0.67 -26.57 -38.55
C LYS A 209 -0.42 -25.52 -38.73
N LEU A 210 -0.08 -24.24 -38.60
CA LEU A 210 -1.10 -23.20 -38.66
C LEU A 210 -0.65 -21.87 -39.25
N GLY A 211 0.63 -21.70 -39.58
CA GLY A 211 1.07 -20.42 -40.09
C GLY A 211 2.40 -20.50 -40.80
N ASP A 212 2.70 -19.46 -41.56
CA ASP A 212 3.95 -19.31 -42.29
C ASP A 212 4.81 -18.25 -41.62
N LYS A 213 6.11 -18.27 -41.93
CA LYS A 213 7.07 -17.37 -41.32
C LYS A 213 7.12 -16.03 -42.04
N ILE A 228 4.37 0.01 -11.28
CA ILE A 228 3.19 -0.56 -11.92
C ILE A 228 1.97 -0.32 -11.06
N PHE A 229 1.90 0.86 -10.44
CA PHE A 229 0.77 1.23 -9.60
C PHE A 229 -0.47 1.52 -10.44
N HIS A 230 -0.49 2.66 -11.14
CA HIS A 230 -1.65 3.03 -11.93
C HIS A 230 -1.67 2.40 -13.31
N ASP A 231 -0.61 1.71 -13.71
CA ASP A 231 -0.68 0.89 -14.93
C ASP A 231 -1.50 -0.36 -14.66
N SER A 232 -1.21 -1.07 -13.56
CA SER A 232 -2.01 -2.22 -13.18
C SER A 232 -3.40 -1.80 -12.69
N ILE A 233 -3.47 -0.73 -11.91
CA ILE A 233 -4.77 -0.25 -11.42
C ILE A 233 -5.63 0.22 -12.59
N SER A 234 -5.03 0.93 -13.54
CA SER A 234 -5.76 1.36 -14.72
C SER A 234 -6.22 0.17 -15.56
N ALA A 235 -5.33 -0.81 -15.74
CA ALA A 235 -5.67 -1.98 -16.55
C ALA A 235 -6.82 -2.76 -15.92
N THR A 236 -6.62 -3.25 -14.69
CA THR A 236 -7.66 -4.05 -14.03
C THR A 236 -8.93 -3.26 -13.81
N ALA A 237 -8.83 -1.95 -13.60
CA ALA A 237 -10.03 -1.12 -13.48
C ALA A 237 -10.80 -1.07 -14.78
N LEU A 238 -10.09 -0.87 -15.90
CA LEU A 238 -10.74 -0.90 -17.20
C LEU A 238 -11.38 -2.26 -17.46
N VAL A 239 -10.70 -3.34 -17.07
CA VAL A 239 -11.24 -4.68 -17.29
C VAL A 239 -12.50 -4.91 -16.47
N MET A 240 -12.51 -4.42 -15.23
CA MET A 240 -13.72 -4.56 -14.40
C MET A 240 -14.86 -3.73 -14.96
N THR A 241 -14.56 -2.54 -15.50
CA THR A 241 -15.62 -1.75 -16.11
C THR A 241 -16.16 -2.40 -17.37
N VAL A 242 -15.30 -3.10 -18.13
CA VAL A 242 -15.76 -3.78 -19.34
C VAL A 242 -16.62 -4.98 -18.97
N PHE A 243 -16.15 -5.81 -18.03
CA PHE A 243 -16.93 -6.97 -17.60
C PHE A 243 -18.26 -6.54 -17.01
N PHE A 244 -18.27 -5.47 -16.21
CA PHE A 244 -19.53 -4.94 -15.70
C PHE A 244 -20.40 -4.41 -16.82
N GLY A 245 -19.79 -3.86 -17.88
CA GLY A 245 -20.55 -3.45 -19.04
C GLY A 245 -21.18 -4.61 -19.78
N ILE A 246 -20.53 -5.77 -19.75
CA ILE A 246 -21.12 -6.96 -20.35
C ILE A 246 -22.22 -7.53 -19.45
N ILE A 247 -22.09 -7.37 -18.14
CA ILE A 247 -23.19 -7.74 -17.24
C ILE A 247 -24.41 -6.89 -17.54
N LEU A 248 -24.21 -5.61 -17.84
CA LEU A 248 -25.32 -4.75 -18.22
C LEU A 248 -25.94 -5.18 -19.54
N LEU A 249 -25.24 -6.00 -20.33
CA LEU A 249 -25.79 -6.54 -21.57
C LEU A 249 -26.62 -7.77 -21.28
N SER A 250 -27.47 -7.70 -20.26
CA SER A 250 -28.31 -8.82 -19.87
C SER A 250 -29.62 -8.33 -19.25
N LYS A 262 -28.20 7.15 -15.22
CA LYS A 262 -27.26 6.16 -15.72
C LYS A 262 -25.82 6.50 -15.32
N THR A 263 -25.53 7.80 -15.23
CA THR A 263 -24.17 8.22 -14.90
C THR A 263 -23.77 7.77 -13.51
N HIS A 264 -24.73 7.69 -12.58
CA HIS A 264 -24.42 7.18 -11.24
C HIS A 264 -24.08 5.69 -11.30
N TRP A 265 -24.77 4.93 -12.15
CA TRP A 265 -24.51 3.50 -12.25
C TRP A 265 -23.13 3.23 -12.85
N PHE A 266 -22.78 3.94 -13.93
CA PHE A 266 -21.47 3.73 -14.54
C PHE A 266 -20.35 4.30 -13.68
N MET A 267 -20.60 5.41 -12.99
CA MET A 267 -19.58 5.94 -12.07
C MET A 267 -19.36 5.01 -10.90
N TYR A 268 -20.40 4.32 -10.42
CA TYR A 268 -20.21 3.31 -9.40
C TYR A 268 -19.61 2.03 -9.94
N ILE A 269 -19.79 1.74 -11.23
CA ILE A 269 -19.04 0.67 -11.87
C ILE A 269 -17.56 0.99 -11.84
N PHE A 270 -17.20 2.21 -12.25
CA PHE A 270 -15.81 2.64 -12.24
C PHE A 270 -15.25 2.69 -10.82
N GLU A 271 -16.08 3.05 -9.84
CA GLU A 271 -15.61 3.14 -8.47
C GLU A 271 -15.42 1.76 -7.85
N MET A 272 -16.32 0.82 -8.12
CA MET A 272 -16.13 -0.55 -7.63
C MET A 272 -14.93 -1.19 -8.30
N GLY A 273 -14.74 -0.95 -9.60
CA GLY A 273 -13.56 -1.46 -10.27
C GLY A 273 -12.28 -0.85 -9.72
N LEU A 274 -12.32 0.42 -9.33
CA LEU A 274 -11.15 1.06 -8.75
C LEU A 274 -10.86 0.55 -7.35
N LYS A 275 -11.91 0.29 -6.56
CA LYS A 275 -11.72 -0.28 -5.23
C LYS A 275 -11.12 -1.68 -5.32
N PHE A 276 -11.70 -2.52 -6.19
CA PHE A 276 -11.14 -3.85 -6.43
C PHE A 276 -9.69 -3.76 -6.91
N ALA A 277 -9.40 -2.80 -7.79
CA ALA A 277 -8.04 -2.63 -8.28
C ALA A 277 -7.08 -2.23 -7.16
N VAL A 278 -7.52 -1.34 -6.28
CA VAL A 278 -6.68 -0.90 -5.17
C VAL A 278 -6.40 -2.06 -4.22
N ALA A 279 -7.44 -2.79 -3.84
CA ALA A 279 -7.25 -3.96 -3.00
C ALA A 279 -6.27 -4.94 -3.63
N ILE A 280 -6.47 -5.24 -4.92
CA ILE A 280 -5.60 -6.18 -5.60
C ILE A 280 -4.17 -5.65 -5.64
N GLN A 281 -3.98 -4.34 -5.72
CA GLN A 281 -2.64 -3.78 -5.81
C GLN A 281 -1.92 -3.82 -4.46
N ILE A 282 -2.66 -3.56 -3.38
CA ILE A 282 -2.10 -3.73 -2.05
C ILE A 282 -1.72 -5.19 -1.84
N ILE A 283 -2.57 -6.12 -2.29
CA ILE A 283 -2.23 -7.53 -2.21
C ILE A 283 -0.97 -7.83 -3.01
N VAL A 284 -0.82 -7.19 -4.17
CA VAL A 284 0.37 -7.41 -5.00
C VAL A 284 1.62 -6.98 -4.27
N THR A 285 1.65 -5.73 -3.77
CA THR A 285 2.82 -5.26 -3.06
C THR A 285 3.13 -6.12 -1.84
N GLY A 286 2.08 -6.52 -1.11
CA GLY A 286 2.30 -7.35 0.06
C GLY A 286 2.89 -8.71 -0.27
N VAL A 287 2.42 -9.31 -1.37
CA VAL A 287 2.97 -10.59 -1.80
C VAL A 287 4.43 -10.44 -2.22
N ARG A 288 4.73 -9.42 -3.04
CA ARG A 288 6.10 -9.26 -3.51
C ARG A 288 7.06 -9.02 -2.35
N MET A 289 6.67 -8.17 -1.40
CA MET A 289 7.52 -7.92 -0.25
C MET A 289 7.65 -9.17 0.62
N PHE A 290 6.53 -9.85 0.88
CA PHE A 290 6.54 -11.02 1.74
C PHE A 290 7.39 -12.14 1.15
N VAL A 291 7.44 -12.23 -0.18
CA VAL A 291 8.17 -13.31 -0.82
C VAL A 291 9.64 -12.95 -1.08
N ALA A 292 9.94 -11.66 -1.28
CA ALA A 292 11.24 -11.24 -1.79
C ALA A 292 12.41 -11.85 -0.99
N GLU A 293 12.32 -11.80 0.34
CA GLU A 293 13.45 -12.24 1.16
C GLU A 293 13.65 -13.74 1.09
N LEU A 294 12.59 -14.51 1.37
CA LEU A 294 12.71 -15.97 1.38
C LEU A 294 13.10 -16.49 0.00
N SER A 295 12.52 -15.92 -1.06
CA SER A 295 12.92 -16.31 -2.41
C SER A 295 14.38 -15.96 -2.67
N GLU A 296 14.84 -14.82 -2.12
CA GLU A 296 16.25 -14.48 -2.23
C GLU A 296 17.13 -15.50 -1.52
N ALA A 297 16.61 -16.10 -0.44
CA ALA A 297 17.33 -17.18 0.23
C ALA A 297 17.37 -18.44 -0.63
N PHE A 298 16.24 -18.74 -1.30
CA PHE A 298 16.22 -19.85 -2.24
C PHE A 298 17.28 -19.67 -3.32
N LYS A 299 17.32 -18.47 -3.91
CA LYS A 299 18.35 -18.15 -4.90
C LYS A 299 19.74 -18.27 -4.29
N GLY A 300 19.89 -17.89 -3.02
CA GLY A 300 21.19 -18.02 -2.37
C GLY A 300 21.63 -19.46 -2.22
N ILE A 301 20.68 -20.38 -1.99
CA ILE A 301 21.05 -21.79 -1.90
C ILE A 301 21.34 -22.35 -3.28
N SER A 302 20.50 -22.01 -4.27
CA SER A 302 20.73 -22.48 -5.63
C SER A 302 22.02 -21.93 -6.22
N GLU A 303 22.52 -20.81 -5.69
CA GLU A 303 23.79 -20.27 -6.16
C GLU A 303 24.95 -21.23 -5.86
N ARG A 304 24.92 -21.86 -4.69
CA ARG A 304 26.03 -22.70 -4.25
C ARG A 304 25.82 -24.18 -4.50
N VAL A 305 24.57 -24.66 -4.48
CA VAL A 305 24.35 -26.09 -4.70
C VAL A 305 24.44 -26.43 -6.18
N ILE A 306 23.85 -25.59 -7.04
CA ILE A 306 23.85 -25.84 -8.48
C ILE A 306 24.16 -24.54 -9.21
N PRO A 307 25.42 -24.11 -9.26
CA PRO A 307 25.73 -22.82 -9.91
C PRO A 307 25.54 -22.84 -11.41
N ASN A 308 25.83 -23.96 -12.07
CA ASN A 308 25.73 -24.07 -13.52
C ASN A 308 24.36 -24.51 -14.00
N SER A 309 23.31 -24.28 -13.20
CA SER A 309 21.98 -24.71 -13.57
C SER A 309 21.32 -23.71 -14.53
N VAL A 310 20.20 -24.12 -15.11
CA VAL A 310 19.41 -23.28 -16.00
C VAL A 310 18.28 -22.66 -15.19
N LEU A 311 18.14 -21.35 -15.26
CA LEU A 311 17.16 -20.62 -14.48
C LEU A 311 15.85 -20.51 -15.25
N ALA A 312 14.75 -20.87 -14.59
CA ALA A 312 13.41 -20.69 -15.13
C ALA A 312 12.86 -19.39 -14.54
N ILE A 313 12.88 -18.32 -15.34
CA ILE A 313 12.54 -16.99 -14.86
C ILE A 313 11.14 -16.59 -15.29
N ASP A 314 10.77 -15.34 -15.00
CA ASP A 314 9.44 -14.86 -15.32
C ASP A 314 9.23 -14.82 -16.83
N CYS A 315 7.96 -14.97 -17.23
CA CYS A 315 7.66 -15.05 -18.65
C CYS A 315 7.88 -13.71 -19.35
N ALA A 316 7.55 -12.60 -18.66
CA ALA A 316 7.66 -11.29 -19.28
C ALA A 316 9.06 -11.00 -19.79
N ALA A 317 10.08 -11.71 -19.28
CA ALA A 317 11.45 -11.50 -19.72
C ALA A 317 11.68 -11.93 -21.16
N ILE A 318 10.69 -12.51 -21.83
CA ILE A 318 10.77 -12.78 -23.26
C ILE A 318 9.92 -11.83 -24.08
N TYR A 319 9.10 -11.00 -23.45
CA TYR A 319 8.25 -10.08 -24.20
C TYR A 319 9.10 -9.10 -25.01
N ALA A 320 10.28 -8.73 -24.50
CA ALA A 320 11.17 -7.85 -25.24
C ALA A 320 11.62 -8.48 -26.55
N PHE A 321 11.71 -9.81 -26.59
CA PHE A 321 12.04 -10.51 -27.82
C PHE A 321 10.89 -10.55 -28.81
N SER A 322 9.72 -10.06 -28.43
CA SER A 322 8.55 -10.03 -29.30
C SER A 322 7.50 -9.06 -28.77
N PRO A 323 7.73 -7.75 -28.84
CA PRO A 323 6.73 -6.79 -28.35
C PRO A 323 5.48 -6.71 -29.21
N ASN A 324 5.44 -7.37 -30.37
CA ASN A 324 4.30 -7.35 -31.27
C ASN A 324 3.23 -8.36 -30.88
N ALA A 325 3.63 -9.54 -30.42
CA ALA A 325 2.67 -10.56 -30.04
C ALA A 325 1.96 -10.27 -28.72
N MET A 326 2.40 -9.25 -27.99
CA MET A 326 1.82 -8.97 -26.67
C MET A 326 0.38 -8.50 -26.79
N VAL A 327 0.17 -7.37 -27.49
CA VAL A 327 -1.16 -6.78 -27.55
C VAL A 327 -2.11 -7.58 -28.43
N PHE A 328 -1.58 -8.37 -29.37
CA PHE A 328 -2.46 -9.17 -30.20
C PHE A 328 -2.82 -10.49 -29.53
N GLY A 329 -1.84 -11.15 -28.92
CA GLY A 329 -2.15 -12.34 -28.13
C GLY A 329 -3.07 -12.03 -26.97
N PHE A 330 -2.81 -10.92 -26.27
CA PHE A 330 -3.72 -10.45 -25.23
C PHE A 330 -5.04 -9.99 -25.84
N MET A 331 -5.03 -9.52 -27.08
CA MET A 331 -6.27 -9.11 -27.75
C MET A 331 -7.19 -10.30 -27.94
N TRP A 332 -6.74 -11.32 -28.68
CA TRP A 332 -7.56 -12.50 -28.91
C TRP A 332 -7.75 -13.32 -27.64
N GLY A 333 -6.88 -13.15 -26.64
CA GLY A 333 -7.12 -13.79 -25.36
C GLY A 333 -8.29 -13.17 -24.60
N ALA A 334 -8.33 -11.84 -24.57
CA ALA A 334 -9.48 -11.17 -23.98
C ALA A 334 -10.75 -11.42 -24.79
N ILE A 335 -10.60 -11.61 -26.11
CA ILE A 335 -11.74 -12.00 -26.93
C ILE A 335 -12.24 -13.38 -26.53
N GLY A 336 -11.31 -14.32 -26.34
CA GLY A 336 -11.70 -15.65 -25.90
C GLY A 336 -12.37 -15.65 -24.53
N GLN A 337 -11.85 -14.84 -23.62
CA GLN A 337 -12.49 -14.69 -22.31
C GLN A 337 -13.89 -14.11 -22.45
N PHE A 338 -14.06 -13.13 -23.35
CA PHE A 338 -15.37 -12.56 -23.56
C PHE A 338 -16.35 -13.58 -24.13
N VAL A 339 -15.88 -14.43 -25.03
CA VAL A 339 -16.75 -15.44 -25.63
C VAL A 339 -17.12 -16.50 -24.60
N ALA A 340 -16.15 -16.97 -23.82
CA ALA A 340 -16.43 -18.02 -22.84
C ALA A 340 -17.33 -17.51 -21.72
N VAL A 341 -17.10 -16.28 -21.25
CA VAL A 341 -17.99 -15.69 -20.25
C VAL A 341 -19.37 -15.49 -20.83
N GLY A 342 -19.44 -15.08 -22.10
CA GLY A 342 -20.73 -15.01 -22.78
C GLY A 342 -21.42 -16.34 -22.85
N LEU A 343 -20.65 -17.44 -22.92
CA LEU A 343 -21.26 -18.76 -22.87
C LEU A 343 -21.76 -19.09 -21.47
N LEU A 344 -20.98 -18.75 -20.45
CA LEU A 344 -21.42 -18.99 -19.07
C LEU A 344 -22.64 -18.15 -18.70
N LEU A 345 -22.88 -17.04 -19.41
CA LEU A 345 -24.10 -16.27 -19.20
C LEU A 345 -25.25 -16.77 -20.07
N GLY A 346 -24.96 -17.26 -21.27
CA GLY A 346 -26.01 -17.77 -22.13
C GLY A 346 -26.52 -19.13 -21.68
N PHE A 347 -25.62 -19.98 -21.19
CA PHE A 347 -26.01 -21.30 -20.69
C PHE A 347 -26.59 -21.27 -19.29
N SER A 348 -26.66 -20.08 -18.66
CA SER A 348 -27.08 -19.94 -17.27
C SER A 348 -26.27 -20.87 -16.37
N SER A 349 -24.95 -20.78 -16.51
CA SER A 349 -24.07 -21.64 -15.74
C SER A 349 -24.21 -21.34 -14.26
N PRO A 350 -24.07 -22.35 -13.38
CA PRO A 350 -24.19 -22.09 -11.95
C PRO A 350 -23.04 -21.29 -11.36
N ILE A 351 -22.08 -20.86 -12.18
CA ILE A 351 -20.92 -20.12 -11.70
C ILE A 351 -20.64 -18.97 -12.66
N LEU A 352 -20.73 -17.74 -12.16
CA LEU A 352 -20.30 -16.58 -12.92
C LEU A 352 -18.79 -16.39 -12.78
N ILE A 353 -18.18 -15.87 -13.84
CA ILE A 353 -16.73 -15.71 -13.90
C ILE A 353 -16.41 -14.25 -14.17
N ILE A 354 -15.54 -13.68 -13.35
CA ILE A 354 -15.05 -12.31 -13.49
C ILE A 354 -13.60 -12.39 -13.97
N PRO A 355 -13.30 -11.97 -15.20
CA PRO A 355 -11.93 -12.06 -15.70
C PRO A 355 -11.00 -11.08 -15.00
N GLY A 356 -9.71 -11.38 -15.10
CA GLY A 356 -8.68 -10.51 -14.56
C GLY A 356 -7.66 -10.11 -15.62
N PHE A 357 -6.98 -8.98 -15.40
CA PHE A 357 -6.04 -8.50 -16.40
C PHE A 357 -4.78 -9.37 -16.44
N ILE A 358 -4.30 -9.80 -15.27
CA ILE A 358 -3.07 -10.60 -15.23
C ILE A 358 -3.19 -11.88 -16.05
N PRO A 359 -4.20 -12.74 -15.85
CA PRO A 359 -4.24 -13.98 -16.64
C PRO A 359 -4.37 -13.75 -18.14
N MET A 360 -5.29 -12.88 -18.56
CA MET A 360 -5.43 -12.57 -19.97
C MET A 360 -4.12 -12.08 -20.57
N PHE A 361 -3.63 -10.93 -20.07
CA PHE A 361 -2.50 -10.28 -20.70
C PHE A 361 -1.25 -11.15 -20.66
N PHE A 362 -0.96 -11.75 -19.50
CA PHE A 362 0.32 -12.45 -19.38
C PHE A 362 0.26 -13.86 -19.95
N SER A 363 -0.79 -14.61 -19.62
CA SER A 363 -0.94 -15.94 -20.20
C SER A 363 -1.03 -15.86 -21.73
N ASN A 364 -2.02 -15.12 -22.23
CA ASN A 364 -2.18 -15.01 -23.67
C ASN A 364 -1.04 -14.26 -24.34
N ALA A 365 -0.27 -13.49 -23.56
CA ALA A 365 0.90 -12.81 -24.12
C ALA A 365 2.05 -13.78 -24.34
N THR A 366 2.35 -14.62 -23.34
CA THR A 366 3.39 -15.63 -23.51
C THR A 366 3.00 -16.64 -24.58
N ILE A 367 1.76 -17.15 -24.52
CA ILE A 367 1.28 -18.06 -25.54
C ILE A 367 1.30 -17.40 -26.91
N GLY A 368 1.04 -16.09 -26.95
CA GLY A 368 1.14 -15.38 -28.21
C GLY A 368 2.56 -15.24 -28.72
N VAL A 369 3.53 -15.17 -27.80
CA VAL A 369 4.93 -15.04 -28.22
C VAL A 369 5.44 -16.38 -28.77
N PHE A 370 5.21 -17.47 -28.03
CA PHE A 370 5.67 -18.77 -28.51
C PHE A 370 4.90 -19.19 -29.75
N ALA A 371 3.56 -19.11 -29.70
CA ALA A 371 2.74 -19.44 -30.86
C ALA A 371 3.00 -18.49 -32.02
N ASN A 372 3.56 -17.30 -31.77
CA ASN A 372 3.98 -16.43 -32.85
C ASN A 372 5.27 -16.91 -33.47
N GLN A 373 6.26 -17.25 -32.63
CA GLN A 373 7.54 -17.75 -33.14
C GLN A 373 7.36 -19.03 -33.94
N PHE A 374 6.45 -19.90 -33.51
CA PHE A 374 6.31 -21.20 -34.16
C PHE A 374 5.13 -21.28 -35.14
N GLY A 375 4.22 -20.31 -35.12
CA GLY A 375 3.05 -20.40 -35.97
C GLY A 375 2.39 -19.08 -36.34
N GLY A 376 3.16 -18.00 -36.29
CA GLY A 376 2.70 -16.70 -36.77
C GLY A 376 1.42 -16.17 -36.10
N TRP A 377 0.93 -15.08 -36.70
CA TRP A 377 -0.26 -14.43 -36.16
C TRP A 377 -1.49 -15.31 -36.26
N LYS A 378 -1.51 -16.24 -37.22
CA LYS A 378 -2.63 -17.17 -37.32
C LYS A 378 -2.70 -18.08 -36.11
N SER A 379 -1.60 -18.77 -35.81
CA SER A 379 -1.56 -19.61 -34.62
C SER A 379 -1.73 -18.80 -33.35
N VAL A 380 -1.31 -17.53 -33.37
CA VAL A 380 -1.57 -16.64 -32.25
C VAL A 380 -3.07 -16.47 -32.04
N MET A 381 -3.79 -16.15 -33.12
CA MET A 381 -5.24 -15.96 -33.03
C MET A 381 -5.93 -17.22 -32.52
N LYS A 382 -5.70 -18.35 -33.19
CA LYS A 382 -6.41 -19.57 -32.85
C LYS A 382 -6.04 -20.06 -31.45
N ILE A 383 -4.74 -20.28 -31.21
CA ILE A 383 -4.31 -20.86 -29.94
C ILE A 383 -4.59 -19.92 -28.78
N CYS A 384 -4.50 -18.61 -29.00
CA CYS A 384 -4.77 -17.67 -27.91
C CYS A 384 -6.27 -17.60 -27.62
N PHE A 385 -7.11 -17.60 -28.65
CA PHE A 385 -8.55 -17.57 -28.44
C PHE A 385 -9.01 -18.83 -27.70
N ILE A 386 -8.69 -20.00 -28.26
CA ILE A 386 -9.04 -21.25 -27.60
C ILE A 386 -8.46 -21.32 -26.20
N MET A 387 -7.26 -20.76 -26.02
CA MET A 387 -6.63 -20.76 -24.71
C MET A 387 -7.42 -19.91 -23.71
N GLY A 388 -7.95 -18.77 -24.16
CA GLY A 388 -8.77 -17.96 -23.28
C GLY A 388 -10.08 -18.64 -22.91
N ILE A 389 -10.74 -19.24 -23.89
CA ILE A 389 -11.98 -19.97 -23.60
C ILE A 389 -11.70 -21.09 -22.60
N ILE A 390 -10.61 -21.84 -22.81
CA ILE A 390 -10.23 -22.89 -21.87
C ILE A 390 -9.89 -22.31 -20.51
N GLU A 391 -9.38 -21.09 -20.48
CA GLU A 391 -9.10 -20.43 -19.20
C GLU A 391 -10.38 -20.21 -18.40
N VAL A 392 -11.37 -19.55 -19.01
CA VAL A 392 -12.61 -19.26 -18.29
C VAL A 392 -13.34 -20.55 -17.94
N LEU A 393 -13.60 -21.40 -18.93
CA LEU A 393 -14.40 -22.60 -18.69
C LEU A 393 -13.70 -23.54 -17.73
N GLY A 394 -12.39 -23.70 -17.87
CA GLY A 394 -11.66 -24.60 -16.97
C GLY A 394 -11.59 -24.08 -15.54
N SER A 395 -11.38 -22.78 -15.37
CA SER A 395 -11.37 -22.21 -14.03
C SER A 395 -12.74 -22.37 -13.36
N ALA A 396 -13.81 -22.05 -14.09
CA ALA A 396 -15.16 -22.26 -13.56
C ALA A 396 -15.40 -23.73 -13.24
N TRP A 397 -14.84 -24.62 -14.05
CA TRP A 397 -14.88 -26.05 -13.75
C TRP A 397 -14.26 -26.34 -12.39
N VAL A 398 -13.05 -25.82 -12.13
CA VAL A 398 -12.41 -26.04 -10.85
C VAL A 398 -13.26 -25.47 -9.72
N ILE A 399 -13.94 -24.35 -9.97
CA ILE A 399 -14.80 -23.77 -8.95
C ILE A 399 -16.01 -24.66 -8.69
N HIS A 400 -16.50 -25.35 -9.72
CA HIS A 400 -17.60 -26.30 -9.52
C HIS A 400 -17.14 -27.49 -8.68
N LEU A 401 -16.00 -28.08 -9.03
CA LEU A 401 -15.50 -29.23 -8.27
C LEU A 401 -15.22 -28.84 -6.82
N LEU A 402 -14.52 -27.72 -6.61
CA LEU A 402 -14.27 -27.25 -5.26
C LEU A 402 -15.56 -26.91 -4.53
N ALA A 403 -16.61 -26.55 -5.28
CA ALA A 403 -17.91 -26.31 -4.66
C ALA A 403 -18.54 -27.61 -4.16
N THR A 404 -18.48 -28.67 -4.97
CA THR A 404 -19.07 -29.94 -4.56
C THR A 404 -18.23 -30.63 -3.49
N GLN A 405 -16.92 -30.35 -3.45
CA GLN A 405 -16.04 -31.01 -2.49
C GLN A 405 -16.30 -30.55 -1.06
N GLY A 406 -17.01 -29.44 -0.85
CA GLY A 406 -17.42 -29.07 0.48
C GLY A 406 -17.02 -27.68 0.95
N THR A 407 -16.71 -26.79 0.01
CA THR A 407 -16.35 -25.43 0.37
C THR A 407 -16.72 -24.49 -0.77
N THR A 408 -16.63 -23.19 -0.52
CA THR A 408 -16.86 -22.15 -1.51
C THR A 408 -15.54 -21.45 -1.82
N PHE A 409 -15.28 -21.22 -3.11
CA PHE A 409 -14.04 -20.61 -3.56
C PHE A 409 -14.37 -19.63 -4.68
N ASN A 410 -14.35 -18.34 -4.36
CA ASN A 410 -14.77 -17.29 -5.28
C ASN A 410 -13.60 -16.70 -6.06
N GLY A 411 -12.82 -17.57 -6.71
CA GLY A 411 -11.69 -17.09 -7.48
C GLY A 411 -10.64 -18.16 -7.71
N TRP A 412 -10.07 -18.19 -8.91
CA TRP A 412 -9.09 -19.20 -9.27
C TRP A 412 -7.89 -18.53 -9.94
N MET A 413 -6.79 -19.30 -10.01
CA MET A 413 -5.57 -18.82 -10.66
C MET A 413 -5.86 -18.31 -12.07
N GLY A 414 -6.72 -19.01 -12.81
CA GLY A 414 -7.20 -18.54 -14.09
C GLY A 414 -6.15 -18.42 -15.18
N MET A 415 -4.91 -18.84 -14.93
CA MET A 415 -3.90 -18.82 -15.96
C MET A 415 -4.17 -19.96 -16.95
N ALA A 416 -3.25 -20.16 -17.90
CA ALA A 416 -3.45 -21.17 -18.92
C ALA A 416 -3.37 -22.58 -18.33
N ASP A 417 -2.27 -22.89 -17.66
CA ASP A 417 -2.10 -24.23 -17.09
C ASP A 417 -3.02 -24.49 -15.92
N TRP A 418 -3.59 -23.44 -15.31
CA TRP A 418 -4.50 -23.59 -14.19
C TRP A 418 -5.96 -23.50 -14.63
N ALA A 419 -6.25 -24.04 -15.82
CA ALA A 419 -7.61 -24.08 -16.35
C ALA A 419 -7.64 -25.03 -17.53
N LEU A 420 -6.52 -25.65 -17.83
CA LEU A 420 -6.35 -26.61 -18.91
C LEU A 420 -5.71 -27.90 -18.46
N PHE A 421 -4.74 -27.83 -17.54
CA PHE A 421 -3.99 -29.00 -17.09
C PHE A 421 -4.30 -29.40 -15.65
N PHE A 422 -4.58 -28.45 -14.77
CA PHE A 422 -4.85 -28.73 -13.37
C PHE A 422 -6.31 -29.10 -13.10
N PRO A 423 -7.30 -28.63 -13.85
CA PRO A 423 -8.68 -29.13 -13.67
C PRO A 423 -8.74 -30.65 -13.82
N PRO A 424 -8.16 -31.25 -14.87
CA PRO A 424 -8.18 -32.71 -14.95
C PRO A 424 -7.36 -33.38 -13.86
N ILE A 425 -6.32 -32.73 -13.35
CA ILE A 425 -5.54 -33.31 -12.25
C ILE A 425 -6.38 -33.35 -10.98
N LEU A 426 -7.06 -32.25 -10.66
CA LEU A 426 -7.88 -32.23 -9.46
C LEU A 426 -9.07 -33.17 -9.60
N GLN A 427 -9.64 -33.28 -10.81
CA GLN A 427 -10.72 -34.22 -11.03
C GLN A 427 -10.23 -35.66 -10.87
N GLY A 428 -9.04 -35.97 -11.40
CA GLY A 428 -8.51 -37.32 -11.27
C GLY A 428 -8.17 -37.68 -9.83
N ILE A 429 -7.63 -36.71 -9.08
CA ILE A 429 -7.37 -36.95 -7.66
C ILE A 429 -8.68 -37.13 -6.90
N VAL A 430 -9.73 -36.42 -7.31
CA VAL A 430 -11.04 -36.58 -6.68
C VAL A 430 -11.58 -37.98 -6.91
N SER A 431 -11.50 -38.45 -8.17
CA SER A 431 -11.99 -39.77 -8.52
C SER A 431 -11.26 -40.88 -7.75
N ILE A 432 -9.96 -41.06 -8.04
CA ILE A 432 -9.15 -42.05 -7.34
C ILE A 432 -7.86 -41.40 -6.86
N PRO A 433 -7.40 -41.71 -5.65
CA PRO A 433 -6.10 -41.16 -5.21
C PRO A 433 -4.92 -41.77 -5.94
N GLY A 434 -5.02 -43.04 -6.34
CA GLY A 434 -3.98 -43.67 -7.13
C GLY A 434 -3.61 -42.92 -8.39
N PHE A 435 -4.55 -42.13 -8.93
CA PHE A 435 -4.24 -41.24 -10.06
C PHE A 435 -2.97 -40.46 -9.80
N PHE A 436 -2.81 -39.94 -8.58
CA PHE A 436 -1.59 -39.24 -8.20
C PHE A 436 -0.37 -40.09 -8.50
N PHE A 437 -0.34 -41.32 -7.96
CA PHE A 437 0.76 -42.23 -8.25
C PHE A 437 0.94 -42.41 -9.75
N VAL A 438 -0.17 -42.46 -10.49
CA VAL A 438 -0.10 -42.53 -11.95
C VAL A 438 0.80 -41.44 -12.49
N LEU A 439 0.50 -40.19 -12.11
CA LEU A 439 1.34 -39.06 -12.55
C LEU A 439 2.80 -39.31 -12.22
N LEU A 440 3.07 -39.83 -11.02
CA LEU A 440 4.44 -40.14 -10.64
C LEU A 440 5.10 -41.06 -11.67
N THR A 441 4.42 -42.16 -12.01
CA THR A 441 4.96 -43.06 -13.03
C THR A 441 5.16 -42.31 -14.34
N LEU A 442 4.19 -41.46 -14.70
CA LEU A 442 4.35 -40.65 -15.91
C LEU A 442 5.63 -39.85 -15.88
N ALA A 443 5.98 -39.29 -14.72
CA ALA A 443 7.23 -38.54 -14.59
C ALA A 443 8.42 -39.41 -14.99
N ILE A 444 8.44 -40.66 -14.53
CA ILE A 444 9.51 -41.57 -14.93
C ILE A 444 9.53 -41.72 -16.45
N VAL A 445 8.35 -41.93 -17.04
CA VAL A 445 8.23 -42.05 -18.49
C VAL A 445 8.89 -40.87 -19.18
N TYR A 446 8.85 -39.71 -18.54
CA TYR A 446 9.64 -38.57 -19.00
C TYR A 446 11.09 -38.72 -18.55
N MET A 447 11.31 -38.74 -17.23
CA MET A 447 12.64 -38.56 -16.67
C MET A 447 13.65 -39.52 -17.28
N VAL A 448 13.40 -40.83 -17.15
CA VAL A 448 14.24 -41.86 -17.75
C VAL A 448 14.58 -41.47 -19.17
N PHE A 449 13.54 -41.31 -20.01
CA PHE A 449 13.78 -40.90 -21.39
C PHE A 449 14.64 -39.64 -21.45
N ALA A 450 14.18 -38.59 -20.78
CA ALA A 450 14.91 -37.32 -20.76
C ALA A 450 16.35 -37.55 -20.34
N SER A 451 16.58 -38.43 -19.36
CA SER A 451 17.92 -38.75 -18.93
C SER A 451 18.82 -39.05 -20.13
N LYS A 452 18.45 -40.07 -20.91
CA LYS A 452 19.25 -40.44 -22.07
C LYS A 452 19.47 -39.24 -22.98
N GLN A 453 18.41 -38.45 -23.21
CA GLN A 453 18.52 -37.31 -24.10
C GLN A 453 19.65 -36.40 -23.67
N LEU A 454 19.73 -36.11 -22.36
CA LEU A 454 20.79 -35.26 -21.85
C LEU A 454 22.16 -35.80 -22.25
N ARG A 455 22.38 -37.10 -22.02
CA ARG A 455 23.63 -37.71 -22.45
C ARG A 455 23.82 -37.57 -23.95
N SER A 456 22.76 -37.87 -24.72
CA SER A 456 22.86 -37.77 -26.17
C SER A 456 23.02 -36.33 -26.64
N GLU A 457 23.05 -35.36 -25.73
CA GLU A 457 23.31 -33.98 -26.09
C GLU A 457 24.54 -33.42 -25.40
N GLU A 458 25.21 -34.19 -24.54
CA GLU A 458 26.46 -33.76 -23.94
C GLU A 458 27.68 -34.39 -24.63
N ALA A 459 27.69 -35.72 -24.74
CA ALA A 459 28.70 -36.42 -25.51
C ALA A 459 28.33 -36.53 -26.99
N ALA A 460 27.13 -36.09 -27.36
CA ALA A 460 26.68 -36.14 -28.76
C ALA A 460 25.77 -34.95 -29.07
N ASP B 37 -5.14 20.18 -22.33
CA ASP B 37 -4.79 19.25 -21.28
C ASP B 37 -5.88 18.20 -21.07
N THR B 38 -7.04 18.67 -20.63
CA THR B 38 -8.25 17.89 -20.34
C THR B 38 -8.01 16.46 -19.89
N THR B 39 -7.32 15.65 -20.69
CA THR B 39 -7.14 14.24 -20.37
C THR B 39 -6.32 14.06 -19.10
N THR B 40 -5.20 14.79 -18.99
CA THR B 40 -4.38 14.69 -17.78
C THR B 40 -5.13 15.14 -16.54
N VAL B 41 -6.13 16.00 -16.69
CA VAL B 41 -7.00 16.34 -15.56
C VAL B 41 -7.79 15.13 -15.11
N ILE B 42 -8.34 14.38 -16.07
CA ILE B 42 -9.04 13.14 -15.74
C ILE B 42 -8.10 12.16 -15.05
N LYS B 43 -6.88 12.03 -15.58
CA LYS B 43 -5.89 11.16 -14.95
C LYS B 43 -5.64 11.58 -13.51
N GLY B 44 -5.48 12.88 -13.28
CA GLY B 44 -5.26 13.37 -11.92
C GLY B 44 -6.42 13.07 -10.99
N THR B 45 -7.65 13.24 -11.49
CA THR B 45 -8.82 12.96 -10.67
C THR B 45 -8.88 11.48 -10.28
N ILE B 46 -8.72 10.59 -11.26
CA ILE B 46 -8.75 9.15 -10.98
C ILE B 46 -7.65 8.78 -10.00
N LYS B 47 -6.45 9.35 -10.18
CA LYS B 47 -5.35 9.03 -9.30
C LYS B 47 -5.62 9.50 -7.87
N THR B 48 -6.20 10.69 -7.71
CA THR B 48 -6.54 11.18 -6.37
C THR B 48 -7.62 10.31 -5.73
N ILE B 49 -8.61 9.88 -6.52
CA ILE B 49 -9.63 8.98 -6.00
C ILE B 49 -9.00 7.68 -5.52
N VAL B 50 -8.06 7.14 -6.30
CA VAL B 50 -7.33 5.95 -5.87
C VAL B 50 -6.57 6.22 -4.58
N GLY B 51 -6.00 7.41 -4.45
CA GLY B 51 -5.32 7.78 -3.21
C GLY B 51 -6.25 7.72 -2.01
N PHE B 52 -7.41 8.36 -2.11
CA PHE B 52 -8.36 8.31 -1.01
C PHE B 52 -8.85 6.90 -0.74
N MET B 53 -8.89 6.05 -1.78
CA MET B 53 -9.25 4.66 -1.59
C MET B 53 -8.20 3.92 -0.76
N ILE B 54 -6.91 4.18 -1.04
CA ILE B 54 -5.85 3.59 -0.22
C ILE B 54 -5.93 4.11 1.21
N VAL B 55 -6.23 5.41 1.37
CA VAL B 55 -6.44 5.94 2.72
C VAL B 55 -7.53 5.16 3.43
N GLN B 56 -8.63 4.85 2.73
CA GLN B 56 -9.71 4.08 3.33
C GLN B 56 -9.28 2.65 3.65
N ALA B 57 -8.43 2.05 2.81
CA ALA B 57 -7.96 0.70 3.10
C ALA B 57 -7.10 0.68 4.36
N GLY B 58 -6.15 1.62 4.47
CA GLY B 58 -5.33 1.71 5.66
C GLY B 58 -6.15 2.04 6.90
N SER B 59 -7.21 2.83 6.73
CA SER B 59 -8.10 3.14 7.84
C SER B 59 -8.86 1.90 8.30
N GLY B 60 -9.30 1.07 7.36
CA GLY B 60 -9.98 -0.16 7.74
C GLY B 60 -9.07 -1.14 8.43
N PHE B 61 -7.89 -1.38 7.85
CA PHE B 61 -6.92 -2.27 8.49
C PHE B 61 -6.49 -1.75 9.84
N LEU B 62 -6.50 -0.42 10.03
CA LEU B 62 -6.17 0.16 11.33
C LEU B 62 -7.30 -0.05 12.33
N VAL B 63 -8.55 0.14 11.89
CA VAL B 63 -9.69 0.03 12.79
C VAL B 63 -9.90 -1.41 13.23
N ALA B 64 -9.83 -2.36 12.29
CA ALA B 64 -10.12 -3.76 12.60
C ALA B 64 -9.12 -4.36 13.60
N ASN B 65 -8.05 -3.65 13.94
CA ASN B 65 -7.06 -4.16 14.86
C ASN B 65 -6.90 -3.31 16.11
N PHE B 66 -7.71 -2.26 16.27
CA PHE B 66 -7.56 -1.37 17.42
C PHE B 66 -8.86 -0.91 18.06
N LYS B 67 -10.03 -1.16 17.47
CA LYS B 67 -11.27 -0.78 18.12
C LYS B 67 -11.52 -1.60 19.39
N PRO B 68 -11.29 -2.92 19.41
CA PRO B 68 -11.39 -3.64 20.68
C PRO B 68 -10.31 -3.30 21.69
N ILE B 69 -9.36 -2.43 21.34
CA ILE B 69 -8.34 -2.00 22.29
C ILE B 69 -8.77 -0.75 23.05
N ILE B 70 -9.39 0.20 22.36
CA ILE B 70 -9.97 1.36 23.04
C ILE B 70 -11.29 0.98 23.69
N GLU B 71 -12.20 0.40 22.91
CA GLU B 71 -13.38 -0.23 23.50
C GLU B 71 -12.98 -1.28 24.52
N GLY B 72 -11.78 -1.86 24.39
CA GLY B 72 -11.24 -2.66 25.46
C GLY B 72 -10.84 -1.85 26.67
N LEU B 73 -10.43 -0.60 26.47
CA LEU B 73 -10.19 0.30 27.59
C LEU B 73 -11.49 0.72 28.27
N SER B 74 -12.62 0.64 27.56
CA SER B 74 -13.91 0.89 28.20
C SER B 74 -14.19 -0.13 29.30
N LYS B 75 -14.05 -1.42 29.00
CA LYS B 75 -14.23 -2.47 29.99
C LYS B 75 -12.96 -2.68 30.80
N TYR B 76 -12.37 -1.60 31.29
CA TYR B 76 -11.15 -1.69 32.09
C TYR B 76 -11.08 -0.53 33.09
N HIS B 77 -10.65 0.64 32.61
CA HIS B 77 -10.58 1.83 33.46
C HIS B 77 -10.94 3.08 32.68
N ASN B 78 -10.13 4.12 32.79
CA ASN B 78 -10.42 5.39 32.12
C ASN B 78 -10.30 5.22 30.62
N LEU B 79 -11.38 5.51 29.90
CA LEU B 79 -11.44 5.28 28.46
C LEU B 79 -10.61 6.32 27.72
N THR B 80 -10.02 5.89 26.61
CA THR B 80 -9.20 6.72 25.72
C THR B 80 -7.93 7.25 26.39
N GLY B 81 -6.78 6.98 25.77
CA GLY B 81 -6.72 6.20 24.54
C GLY B 81 -6.66 7.04 23.29
N ALA B 82 -5.48 7.60 23.00
CA ALA B 82 -5.30 8.44 21.82
C ALA B 82 -3.86 8.33 21.36
N VAL B 83 -3.65 8.52 20.06
CA VAL B 83 -2.33 8.37 19.44
C VAL B 83 -1.92 9.73 18.85
N ILE B 84 -0.79 10.24 19.31
CA ILE B 84 -0.21 11.46 18.75
C ILE B 84 0.43 11.10 17.42
N ASP B 85 -0.18 11.56 16.32
CA ASP B 85 0.27 11.28 14.96
C ASP B 85 -0.59 12.05 13.97
N PRO B 86 0.01 12.70 12.96
CA PRO B 86 -0.81 13.46 12.01
C PRO B 86 -1.67 12.60 11.11
N TYR B 87 -1.17 11.43 10.68
CA TYR B 87 -1.93 10.60 9.78
C TYR B 87 -3.09 9.92 10.50
N THR B 88 -2.89 9.51 11.75
CA THR B 88 -4.00 8.95 12.52
C THR B 88 -5.07 10.00 12.77
N SER B 89 -4.66 11.24 13.05
CA SER B 89 -5.62 12.32 13.16
C SER B 89 -6.34 12.59 11.85
N MET B 90 -5.66 12.35 10.72
CA MET B 90 -6.34 12.47 9.43
C MET B 90 -7.36 11.35 9.24
N GLN B 91 -7.03 10.15 9.73
CA GLN B 91 -7.96 9.04 9.66
C GLN B 91 -9.20 9.31 10.51
N ALA B 92 -8.98 9.65 11.78
CA ALA B 92 -10.10 9.98 12.66
C ALA B 92 -10.91 11.15 12.12
N THR B 93 -10.24 12.13 11.49
CA THR B 93 -10.96 13.25 10.90
C THR B 93 -11.86 12.78 9.76
N ILE B 94 -11.35 11.90 8.90
CA ILE B 94 -12.17 11.39 7.79
C ILE B 94 -13.36 10.61 8.34
N GLN B 95 -13.11 9.71 9.29
CA GLN B 95 -14.17 8.84 9.80
C GLN B 95 -15.24 9.65 10.53
N THR B 96 -14.83 10.61 11.36
CA THR B 96 -15.77 11.51 12.02
C THR B 96 -16.16 12.68 11.14
N MET B 97 -15.87 12.62 9.85
CA MET B 97 -16.24 13.68 8.91
C MET B 97 -17.09 13.19 7.75
N ALA B 98 -17.22 11.87 7.58
CA ALA B 98 -18.12 11.27 6.59
C ALA B 98 -17.98 11.88 5.21
N ASP B 99 -19.11 12.01 4.50
CA ASP B 99 -19.10 12.71 3.22
C ASP B 99 -18.94 14.21 3.37
N ASN B 100 -19.08 14.74 4.60
CA ASN B 100 -18.76 16.13 4.87
C ASN B 100 -17.27 16.39 4.91
N TYR B 101 -16.43 15.38 4.65
CA TYR B 101 -14.99 15.59 4.54
C TYR B 101 -14.62 16.47 3.36
N ALA B 102 -15.51 16.62 2.37
CA ALA B 102 -15.25 17.53 1.26
C ALA B 102 -15.10 18.97 1.73
N TRP B 103 -15.63 19.30 2.91
CA TRP B 103 -15.42 20.63 3.48
C TRP B 103 -13.94 20.91 3.69
N VAL B 104 -13.14 19.86 3.87
CA VAL B 104 -11.69 20.06 4.01
C VAL B 104 -11.09 20.45 2.67
N GLY B 105 -11.61 19.91 1.57
CA GLY B 105 -11.14 20.33 0.26
C GLY B 105 -11.56 21.74 -0.07
N TYR B 106 -12.83 22.08 0.20
CA TYR B 106 -13.30 23.45 0.02
C TYR B 106 -12.46 24.42 0.84
N ALA B 107 -12.16 24.06 2.09
CA ALA B 107 -11.42 24.96 2.96
C ALA B 107 -9.95 25.05 2.56
N VAL B 108 -9.40 23.98 1.98
CA VAL B 108 -8.02 24.02 1.52
C VAL B 108 -7.90 24.93 0.30
N ILE B 109 -8.79 24.75 -0.69
CA ILE B 109 -8.75 25.60 -1.87
C ILE B 109 -9.02 27.05 -1.50
N LEU B 110 -10.03 27.28 -0.66
CA LEU B 110 -10.39 28.65 -0.30
C LEU B 110 -9.29 29.32 0.52
N ALA B 111 -8.71 28.58 1.49
CA ALA B 111 -7.63 29.13 2.29
C ALA B 111 -6.40 29.41 1.44
N LEU B 112 -6.12 28.54 0.47
CA LEU B 112 -5.03 28.79 -0.47
C LEU B 112 -5.29 30.06 -1.27
N PHE B 113 -6.53 30.26 -1.70
CA PHE B 113 -6.89 31.49 -2.41
C PHE B 113 -6.68 32.72 -1.53
N LEU B 114 -7.05 32.62 -0.25
CA LEU B 114 -6.83 33.74 0.65
C LEU B 114 -5.35 34.01 0.88
N ASN B 115 -4.53 32.96 0.91
CA ASN B 115 -3.08 33.16 1.04
C ASN B 115 -2.51 33.83 -0.21
N ILE B 116 -2.94 33.39 -1.39
CA ILE B 116 -2.54 34.08 -2.62
C ILE B 116 -2.96 35.54 -2.57
N LEU B 117 -4.14 35.80 -1.99
CA LEU B 117 -4.56 37.18 -1.79
C LEU B 117 -3.61 37.92 -0.85
N LEU B 118 -3.13 37.24 0.18
CA LEU B 118 -2.18 37.86 1.11
C LEU B 118 -0.82 38.08 0.49
N VAL B 119 -0.49 37.38 -0.59
CA VAL B 119 0.81 37.59 -1.25
C VAL B 119 0.72 38.63 -2.36
N VAL B 120 -0.38 38.64 -3.11
CA VAL B 120 -0.55 39.64 -4.16
C VAL B 120 -0.58 41.04 -3.56
N CYS B 121 -1.19 41.18 -2.39
CA CYS B 121 -1.20 42.45 -1.65
C CYS B 121 -0.12 42.47 -0.58
N ARG B 122 1.10 42.08 -0.96
CA ARG B 122 2.20 42.01 0.00
C ARG B 122 2.64 43.39 0.47
N ARG B 123 2.32 44.44 -0.28
CA ARG B 123 2.72 45.78 0.10
C ARG B 123 2.00 46.25 1.35
N ILE B 124 0.67 46.06 1.40
CA ILE B 124 -0.13 46.48 2.53
C ILE B 124 -0.34 45.38 3.56
N THR B 125 0.15 44.16 3.28
CA THR B 125 0.03 43.06 4.23
C THR B 125 1.36 42.54 4.74
N GLY B 126 2.46 42.77 4.02
CA GLY B 126 3.75 42.30 4.47
C GLY B 126 3.94 40.80 4.45
N ILE B 127 3.06 40.07 3.76
CA ILE B 127 3.14 38.61 3.69
C ILE B 127 3.70 38.23 2.33
N ARG B 128 4.84 37.56 2.32
CA ARG B 128 5.52 37.13 1.11
C ARG B 128 5.39 35.64 0.84
N THR B 129 5.53 34.80 1.87
CA THR B 129 5.55 33.37 1.69
C THR B 129 4.17 32.85 1.30
N ILE B 130 4.16 31.65 0.69
CA ILE B 130 2.92 30.97 0.34
C ILE B 130 3.05 29.50 0.71
N MET B 131 1.98 28.94 1.27
CA MET B 131 1.92 27.54 1.64
C MET B 131 1.48 26.71 0.43
N LEU B 132 2.19 25.61 0.19
CA LEU B 132 1.90 24.77 -0.96
C LEU B 132 1.97 23.27 -0.69
N THR B 133 2.45 22.83 0.46
CA THR B 133 2.56 21.40 0.73
C THR B 133 1.18 20.81 0.99
N GLY B 134 0.74 19.91 0.10
CA GLY B 134 -0.65 19.49 0.09
C GLY B 134 -1.08 18.75 1.34
N HIS B 135 -0.32 17.72 1.74
CA HIS B 135 -0.77 16.87 2.84
C HIS B 135 -0.78 17.62 4.16
N ILE B 136 0.13 18.58 4.34
CA ILE B 136 0.10 19.40 5.55
C ILE B 136 -1.13 20.29 5.57
N MET B 137 -1.48 20.86 4.42
CA MET B 137 -2.70 21.66 4.33
C MET B 137 -3.94 20.83 4.64
N PHE B 138 -4.01 19.62 4.08
CA PHE B 138 -5.19 18.78 4.32
C PHE B 138 -5.25 18.28 5.76
N GLN B 139 -4.09 18.03 6.38
CA GLN B 139 -4.09 17.63 7.79
C GLN B 139 -4.54 18.78 8.68
N GLN B 140 -3.94 19.96 8.51
CA GLN B 140 -4.27 21.10 9.34
C GLN B 140 -5.72 21.53 9.15
N ALA B 141 -6.10 21.83 7.91
CA ALA B 141 -7.48 22.22 7.63
C ALA B 141 -8.45 21.12 7.99
N GLY B 142 -8.03 19.86 7.91
CA GLY B 142 -8.88 18.77 8.35
C GLY B 142 -9.16 18.81 9.84
N LEU B 143 -8.13 19.05 10.65
CA LEU B 143 -8.33 19.09 12.10
C LEU B 143 -9.11 20.33 12.52
N VAL B 144 -8.86 21.47 11.87
CA VAL B 144 -9.65 22.67 12.18
C VAL B 144 -11.11 22.45 11.81
N ALA B 145 -11.36 21.89 10.63
CA ALA B 145 -12.73 21.67 10.19
C ALA B 145 -13.44 20.67 11.09
N VAL B 146 -12.74 19.61 11.52
CA VAL B 146 -13.37 18.65 12.42
C VAL B 146 -13.59 19.26 13.80
N PHE B 147 -12.78 20.26 14.16
CA PHE B 147 -13.05 20.99 15.40
C PHE B 147 -14.32 21.80 15.28
N TYR B 148 -14.45 22.58 14.19
CA TYR B 148 -15.66 23.36 13.97
C TYR B 148 -16.88 22.49 13.70
N MET B 149 -16.70 21.20 13.41
CA MET B 149 -17.84 20.29 13.28
C MET B 149 -18.20 19.64 14.60
N ILE B 150 -17.20 19.30 15.42
CA ILE B 150 -17.49 18.75 16.74
C ILE B 150 -18.24 19.76 17.59
N ILE B 151 -17.88 21.05 17.48
CA ILE B 151 -18.63 22.10 18.16
C ILE B 151 -20.05 22.17 17.61
N GLY B 152 -20.21 22.01 16.31
CA GLY B 152 -21.51 21.94 15.68
C GLY B 152 -21.88 23.10 14.78
N ALA B 153 -20.92 23.84 14.25
CA ALA B 153 -21.23 24.94 13.36
C ALA B 153 -21.74 24.40 12.01
N SER B 154 -22.29 25.32 11.21
CA SER B 154 -22.79 24.95 9.90
C SER B 154 -21.63 24.68 8.95
N MET B 155 -21.96 24.41 7.69
CA MET B 155 -20.93 24.12 6.69
C MET B 155 -20.15 25.37 6.32
N TRP B 156 -20.87 26.44 5.94
CA TRP B 156 -20.19 27.66 5.49
C TRP B 156 -19.41 28.33 6.60
N GLU B 157 -19.88 28.21 7.85
CA GLU B 157 -19.09 28.74 8.97
C GLU B 157 -17.78 27.97 9.13
N THR B 158 -17.83 26.65 8.94
CA THR B 158 -16.62 25.84 9.03
C THR B 158 -15.65 26.16 7.88
N VAL B 159 -16.18 26.31 6.67
CA VAL B 159 -15.31 26.56 5.52
C VAL B 159 -14.71 27.96 5.58
N ILE B 160 -15.50 28.96 5.97
CA ILE B 160 -15.01 30.33 6.01
C ILE B 160 -14.05 30.53 7.19
N TYR B 161 -14.46 30.10 8.38
CA TYR B 161 -13.59 30.23 9.55
C TYR B 161 -12.31 29.43 9.37
N THR B 162 -12.42 28.20 8.86
CA THR B 162 -11.24 27.38 8.61
C THR B 162 -10.34 28.02 7.56
N ALA B 163 -10.93 28.61 6.52
CA ALA B 163 -10.14 29.22 5.46
C ALA B 163 -9.37 30.44 5.99
N VAL B 164 -10.04 31.30 6.75
CA VAL B 164 -9.39 32.50 7.25
C VAL B 164 -8.32 32.13 8.28
N LEU B 165 -8.68 31.30 9.26
CA LEU B 165 -7.73 30.92 10.29
C LEU B 165 -6.52 30.21 9.70
N MET B 166 -6.75 29.31 8.75
CA MET B 166 -5.65 28.56 8.15
C MET B 166 -4.77 29.46 7.29
N ALA B 167 -5.39 30.34 6.49
CA ALA B 167 -4.61 31.24 5.65
C ALA B 167 -3.75 32.19 6.48
N LEU B 168 -4.34 32.78 7.52
CA LEU B 168 -3.57 33.64 8.40
C LEU B 168 -2.46 32.87 9.11
N TYR B 169 -2.75 31.63 9.51
CA TYR B 169 -1.72 30.81 10.16
C TYR B 169 -0.57 30.51 9.22
N TRP B 170 -0.87 30.24 7.94
CA TRP B 170 0.17 29.91 6.99
C TRP B 170 1.01 31.14 6.63
N GLY B 171 0.37 32.20 6.16
CA GLY B 171 1.10 33.38 5.76
C GLY B 171 1.85 34.02 6.92
N ILE B 172 1.20 34.12 8.08
CA ILE B 172 1.82 34.76 9.22
C ILE B 172 2.89 33.86 9.83
N SER B 173 2.66 32.55 9.84
CA SER B 173 3.64 31.64 10.43
C SER B 173 4.89 31.57 9.56
N SER B 174 4.74 31.24 8.28
CA SER B 174 5.90 31.13 7.40
C SER B 174 6.56 32.49 7.19
N ASN B 175 5.76 33.54 6.97
CA ASN B 175 6.33 34.87 6.82
C ASN B 175 7.04 35.32 8.09
N ILE B 176 6.60 34.81 9.25
CA ILE B 176 7.29 35.09 10.50
C ILE B 176 8.61 34.33 10.55
N MET B 177 8.64 33.11 10.03
CA MET B 177 9.83 32.27 10.10
C MET B 177 10.75 32.44 8.89
N TYR B 178 10.49 33.42 8.02
CA TYR B 178 11.32 33.58 6.83
C TYR B 178 12.75 33.97 7.21
N LYS B 179 12.91 35.03 8.00
CA LYS B 179 14.26 35.50 8.34
C LYS B 179 15.09 34.47 9.06
N PRO B 180 14.65 33.84 10.16
CA PRO B 180 15.49 32.82 10.79
C PRO B 180 15.73 31.61 9.91
N THR B 181 14.80 31.30 9.01
CA THR B 181 15.07 30.25 8.02
C THR B 181 16.19 30.68 7.08
N GLN B 182 16.24 31.97 6.73
CA GLN B 182 17.36 32.47 5.95
C GLN B 182 18.66 32.39 6.75
N ALA B 183 18.58 32.55 8.08
CA ALA B 183 19.77 32.42 8.90
C ALA B 183 20.26 30.98 8.97
N VAL B 184 19.34 30.02 9.03
CA VAL B 184 19.73 28.62 9.13
C VAL B 184 20.24 28.12 7.77
N THR B 185 19.55 28.46 6.70
CA THR B 185 19.90 28.01 5.36
C THR B 185 20.95 28.86 4.69
N GLY B 186 21.46 29.90 5.37
CA GLY B 186 22.45 30.78 4.76
C GLY B 186 21.92 31.60 3.61
N GLY B 187 20.67 32.03 3.68
CA GLY B 187 20.10 32.86 2.62
C GLY B 187 19.66 32.10 1.40
N ALA B 188 19.10 30.90 1.57
CA ALA B 188 18.70 30.10 0.42
C ALA B 188 17.47 30.66 -0.28
N GLY B 189 16.69 31.50 0.39
CA GLY B 189 15.56 32.15 -0.25
C GLY B 189 14.24 31.42 -0.11
N PHE B 190 14.06 30.62 0.94
CA PHE B 190 12.79 29.96 1.18
C PHE B 190 12.50 29.96 2.68
N SER B 191 11.25 29.68 3.02
CA SER B 191 10.77 29.68 4.39
C SER B 191 10.27 28.30 4.76
N ILE B 192 9.90 28.13 6.02
CA ILE B 192 9.43 26.86 6.56
C ILE B 192 7.90 26.88 6.56
N GLY B 193 7.31 25.88 5.94
CA GLY B 193 5.86 25.72 5.94
C GLY B 193 5.45 24.36 6.43
N HIS B 194 5.42 24.18 7.75
CA HIS B 194 5.09 22.88 8.32
C HIS B 194 4.11 23.03 9.49
N GLN B 195 4.45 22.47 10.65
CA GLN B 195 3.53 22.46 11.79
C GLN B 195 4.23 22.86 13.08
N GLN B 196 5.26 23.73 13.00
CA GLN B 196 5.94 24.19 14.21
C GLN B 196 6.55 25.57 14.04
N GLN B 197 5.96 26.41 13.20
CA GLN B 197 6.54 27.72 12.92
C GLN B 197 6.51 28.62 14.15
N ILE B 198 5.42 28.58 14.92
CA ILE B 198 5.31 29.41 16.10
C ILE B 198 6.18 28.87 17.22
N ALA B 199 6.25 27.54 17.37
CA ALA B 199 7.16 26.96 18.36
C ALA B 199 8.61 27.23 17.99
N SER B 200 8.94 27.13 16.70
CA SER B 200 10.28 27.49 16.26
C SER B 200 10.56 28.98 16.42
N TRP B 201 9.51 29.82 16.42
CA TRP B 201 9.70 31.23 16.71
C TRP B 201 9.93 31.48 18.19
N ILE B 202 9.31 30.67 19.05
CA ILE B 202 9.65 30.68 20.47
C ILE B 202 11.08 30.22 20.67
N ALA B 203 11.54 29.28 19.85
CA ALA B 203 12.94 28.85 19.93
C ALA B 203 13.88 29.93 19.42
N VAL B 204 13.45 30.71 18.43
CA VAL B 204 14.31 31.75 17.88
C VAL B 204 14.39 32.94 18.83
N LYS B 205 13.28 33.30 19.47
CA LYS B 205 13.28 34.43 20.39
C LYS B 205 13.73 34.05 21.79
N LEU B 206 13.72 32.77 22.13
CA LEU B 206 14.10 32.31 23.46
C LEU B 206 15.49 31.69 23.51
N ALA B 207 16.01 31.23 22.38
CA ALA B 207 17.28 30.50 22.32
C ALA B 207 18.51 31.36 22.62
N PRO B 208 18.61 32.61 22.11
CA PRO B 208 19.82 33.41 22.40
C PRO B 208 20.06 33.66 23.88
N LYS B 209 19.08 33.41 24.74
CA LYS B 209 19.23 33.60 26.18
C LYS B 209 19.46 32.28 26.92
N LEU B 210 20.10 31.30 26.26
CA LEU B 210 20.28 29.99 26.87
C LEU B 210 21.49 29.24 26.32
N GLY B 211 22.14 29.76 25.29
CA GLY B 211 23.22 29.02 24.67
C GLY B 211 24.24 29.91 23.99
N ASP B 212 25.29 29.25 23.48
CA ASP B 212 26.38 29.90 22.77
C ASP B 212 26.60 29.19 21.45
N LYS B 213 27.10 29.94 20.46
CA LYS B 213 27.31 29.41 19.12
C LYS B 213 28.39 28.34 19.12
N ILE B 228 9.62 5.27 1.30
CA ILE B 228 9.92 5.07 2.71
C ILE B 228 9.01 3.98 3.28
N PHE B 229 9.44 2.74 3.17
CA PHE B 229 8.67 1.61 3.67
C PHE B 229 9.15 1.17 5.05
N HIS B 230 10.28 0.46 5.12
CA HIS B 230 10.76 -0.10 6.37
C HIS B 230 11.42 0.91 7.30
N ASP B 231 11.77 2.09 6.79
CA ASP B 231 12.34 3.12 7.67
C ASP B 231 11.28 3.63 8.64
N SER B 232 10.17 4.15 8.11
CA SER B 232 9.10 4.64 8.96
C SER B 232 8.40 3.50 9.70
N ILE B 233 8.32 2.32 9.09
CA ILE B 233 7.70 1.18 9.77
C ILE B 233 8.54 0.75 10.96
N SER B 234 9.85 0.65 10.78
CA SER B 234 10.72 0.30 11.89
C SER B 234 10.72 1.38 12.96
N ALA B 235 10.70 2.65 12.55
CA ALA B 235 10.70 3.75 13.50
C ALA B 235 9.42 3.76 14.34
N THR B 236 8.27 3.98 13.68
CA THR B 236 7.01 4.07 14.41
C THR B 236 6.70 2.77 15.14
N ALA B 237 7.06 1.63 14.54
CA ALA B 237 6.86 0.35 15.21
C ALA B 237 7.66 0.27 16.50
N LEU B 238 8.95 0.65 16.44
CA LEU B 238 9.77 0.68 17.65
C LEU B 238 9.22 1.67 18.67
N VAL B 239 8.62 2.77 18.21
CA VAL B 239 8.01 3.71 19.14
C VAL B 239 6.82 3.06 19.86
N MET B 240 5.96 2.37 19.11
CA MET B 240 4.81 1.70 19.72
C MET B 240 5.26 0.63 20.71
N THR B 241 6.31 -0.12 20.37
CA THR B 241 6.78 -1.16 21.28
C THR B 241 7.40 -0.54 22.53
N VAL B 242 8.14 0.56 22.38
CA VAL B 242 8.75 1.20 23.54
C VAL B 242 7.68 1.77 24.47
N PHE B 243 6.71 2.47 23.89
CA PHE B 243 5.63 3.03 24.71
C PHE B 243 4.81 1.93 25.38
N PHE B 244 4.58 0.83 24.67
CA PHE B 244 3.91 -0.31 25.30
C PHE B 244 4.73 -0.86 26.45
N GLY B 245 6.06 -0.90 26.30
CA GLY B 245 6.91 -1.26 27.41
C GLY B 245 6.82 -0.30 28.57
N ILE B 246 6.56 0.98 28.27
CA ILE B 246 6.35 1.96 29.33
C ILE B 246 5.03 1.69 30.06
N ILE B 247 4.00 1.30 29.30
CA ILE B 247 2.75 0.89 29.92
C ILE B 247 2.96 -0.34 30.80
N LEU B 248 3.86 -1.24 30.40
CA LEU B 248 4.18 -2.39 31.24
C LEU B 248 4.77 -1.96 32.58
N LEU B 249 5.40 -0.79 32.63
CA LEU B 249 5.95 -0.26 33.87
C LEU B 249 4.90 0.42 34.75
N SER B 250 3.62 0.08 34.56
CA SER B 250 2.55 0.67 35.36
C SER B 250 1.51 -0.40 35.70
N LYS B 262 7.56 -15.07 28.97
CA LYS B 262 7.17 -13.68 28.78
C LYS B 262 7.31 -13.25 27.32
N THR B 263 8.05 -14.05 26.54
CA THR B 263 8.34 -13.69 25.16
C THR B 263 7.10 -13.61 24.28
N HIS B 264 6.01 -14.26 24.67
CA HIS B 264 4.81 -14.25 23.84
C HIS B 264 4.12 -12.89 23.89
N TRP B 265 3.95 -12.34 25.09
CA TRP B 265 3.31 -11.03 25.22
C TRP B 265 4.15 -9.95 24.57
N PHE B 266 5.47 -10.03 24.70
CA PHE B 266 6.34 -9.06 24.04
C PHE B 266 6.32 -9.22 22.52
N MET B 267 6.21 -10.46 22.04
CA MET B 267 6.06 -10.67 20.61
C MET B 267 4.74 -10.10 20.11
N TYR B 268 3.69 -10.12 20.93
CA TYR B 268 2.46 -9.43 20.56
C TYR B 268 2.59 -7.93 20.67
N ILE B 269 3.51 -7.43 21.51
CA ILE B 269 3.80 -6.00 21.53
C ILE B 269 4.44 -5.59 20.21
N PHE B 270 5.48 -6.30 19.79
CA PHE B 270 6.14 -5.98 18.52
C PHE B 270 5.19 -6.18 17.34
N GLU B 271 4.33 -7.20 17.42
CA GLU B 271 3.40 -7.44 16.32
C GLU B 271 2.32 -6.37 16.27
N MET B 272 1.88 -5.87 17.43
CA MET B 272 0.95 -4.74 17.43
C MET B 272 1.61 -3.49 16.88
N GLY B 273 2.88 -3.27 17.21
CA GLY B 273 3.61 -2.17 16.62
C GLY B 273 3.75 -2.28 15.12
N LEU B 274 3.86 -3.52 14.61
CA LEU B 274 4.00 -3.72 13.17
C LEU B 274 2.67 -3.58 12.45
N LYS B 275 1.57 -4.06 13.04
CA LYS B 275 0.26 -3.86 12.44
C LYS B 275 -0.10 -2.37 12.42
N PHE B 276 0.10 -1.70 13.55
CA PHE B 276 -0.16 -0.26 13.61
C PHE B 276 0.72 0.48 12.62
N ALA B 277 2.01 0.15 12.57
CA ALA B 277 2.93 0.84 11.67
C ALA B 277 2.56 0.58 10.21
N VAL B 278 2.15 -0.64 9.88
CA VAL B 278 1.74 -0.96 8.52
C VAL B 278 0.52 -0.16 8.14
N ALA B 279 -0.49 -0.14 9.01
CA ALA B 279 -1.68 0.68 8.74
C ALA B 279 -1.31 2.13 8.52
N ILE B 280 -0.48 2.69 9.41
CA ILE B 280 -0.07 4.08 9.29
C ILE B 280 0.68 4.31 7.98
N GLN B 281 1.43 3.31 7.50
CA GLN B 281 2.19 3.49 6.27
C GLN B 281 1.28 3.48 5.04
N ILE B 282 0.33 2.54 5.00
CA ILE B 282 -0.67 2.57 3.93
C ILE B 282 -1.40 3.90 3.93
N ILE B 283 -1.70 4.43 5.12
CA ILE B 283 -2.30 5.76 5.19
C ILE B 283 -1.36 6.80 4.62
N VAL B 284 -0.06 6.67 4.88
CA VAL B 284 0.90 7.67 4.41
C VAL B 284 0.94 7.72 2.90
N THR B 285 1.16 6.56 2.26
CA THR B 285 1.20 6.52 0.80
C THR B 285 -0.14 6.96 0.21
N GLY B 286 -1.24 6.52 0.81
CA GLY B 286 -2.55 6.92 0.30
C GLY B 286 -2.76 8.42 0.33
N VAL B 287 -2.41 9.06 1.44
CA VAL B 287 -2.56 10.50 1.57
C VAL B 287 -1.64 11.22 0.59
N ARG B 288 -0.39 10.76 0.48
CA ARG B 288 0.56 11.40 -0.43
C ARG B 288 0.05 11.37 -1.86
N MET B 289 -0.38 10.21 -2.34
CA MET B 289 -0.95 10.14 -3.67
C MET B 289 -2.28 10.89 -3.77
N PHE B 290 -2.98 11.07 -2.64
CA PHE B 290 -4.27 11.75 -2.65
C PHE B 290 -4.09 13.26 -2.85
N VAL B 291 -3.03 13.84 -2.28
CA VAL B 291 -2.80 15.28 -2.42
C VAL B 291 -1.72 15.62 -3.42
N ALA B 292 -1.12 14.62 -4.07
CA ALA B 292 0.03 14.87 -4.95
C ALA B 292 -0.35 15.76 -6.12
N GLU B 293 -1.29 15.30 -6.96
CA GLU B 293 -1.62 16.04 -8.17
C GLU B 293 -2.29 17.38 -7.84
N LEU B 294 -3.13 17.40 -6.80
CA LEU B 294 -3.81 18.65 -6.44
C LEU B 294 -2.81 19.69 -5.96
N SER B 295 -1.86 19.29 -5.11
CA SER B 295 -0.82 20.22 -4.70
C SER B 295 0.06 20.62 -5.88
N GLU B 296 0.25 19.71 -6.84
CA GLU B 296 0.98 20.06 -8.06
C GLU B 296 0.24 21.15 -8.83
N ALA B 297 -1.09 21.10 -8.82
CA ALA B 297 -1.87 22.19 -9.40
C ALA B 297 -1.75 23.47 -8.58
N PHE B 298 -1.63 23.34 -7.25
CA PHE B 298 -1.37 24.51 -6.42
C PHE B 298 -0.08 25.20 -6.85
N LYS B 299 0.97 24.42 -7.05
CA LYS B 299 2.20 24.95 -7.64
C LYS B 299 1.94 25.50 -9.04
N GLY B 300 0.99 24.93 -9.77
CA GLY B 300 0.68 25.41 -11.10
C GLY B 300 0.06 26.79 -11.12
N ILE B 301 -0.75 27.11 -10.11
CA ILE B 301 -1.40 28.42 -10.04
C ILE B 301 -0.50 29.45 -9.37
N SER B 302 0.11 29.08 -8.24
CA SER B 302 1.08 29.96 -7.60
C SER B 302 2.27 30.24 -8.51
N GLU B 303 2.52 29.35 -9.48
CA GLU B 303 3.62 29.55 -10.42
C GLU B 303 3.39 30.76 -11.31
N ARG B 304 2.14 31.11 -11.58
CA ARG B 304 1.81 32.18 -12.52
C ARG B 304 1.19 33.41 -11.87
N VAL B 305 0.44 33.24 -10.78
CA VAL B 305 -0.15 34.40 -10.13
C VAL B 305 0.91 35.21 -9.38
N ILE B 306 1.73 34.53 -8.59
CA ILE B 306 2.81 35.19 -7.85
C ILE B 306 4.13 34.54 -8.23
N PRO B 307 4.69 34.87 -9.40
CA PRO B 307 5.89 34.17 -9.85
C PRO B 307 7.14 34.47 -9.03
N ASN B 308 7.16 35.60 -8.32
CA ASN B 308 8.31 36.00 -7.50
C ASN B 308 7.98 35.92 -6.01
N SER B 309 7.26 34.87 -5.61
CA SER B 309 6.88 34.68 -4.23
C SER B 309 7.86 33.76 -3.51
N VAL B 310 7.75 33.74 -2.18
CA VAL B 310 8.57 32.88 -1.34
C VAL B 310 7.79 31.60 -1.06
N LEU B 311 8.48 30.46 -1.13
CA LEU B 311 7.85 29.16 -0.97
C LEU B 311 8.03 28.68 0.46
N ALA B 312 6.91 28.34 1.11
CA ALA B 312 6.93 27.73 2.44
C ALA B 312 6.93 26.21 2.25
N ILE B 313 8.13 25.64 2.13
CA ILE B 313 8.27 24.23 1.80
C ILE B 313 8.44 23.41 3.08
N ASP B 314 8.74 22.12 2.92
CA ASP B 314 8.81 21.20 4.04
C ASP B 314 9.94 21.59 4.99
N CYS B 315 9.77 21.24 6.27
CA CYS B 315 10.80 21.50 7.27
C CYS B 315 12.04 20.66 7.00
N ALA B 316 11.86 19.42 6.52
CA ALA B 316 13.02 18.55 6.30
C ALA B 316 14.02 19.19 5.36
N ALA B 317 13.58 20.14 4.54
CA ALA B 317 14.46 20.75 3.56
C ALA B 317 15.55 21.59 4.19
N ILE B 318 15.51 21.77 5.52
CA ILE B 318 16.59 22.45 6.23
C ILE B 318 17.41 21.51 7.09
N TYR B 319 17.01 20.24 7.23
CA TYR B 319 17.76 19.33 8.08
C TYR B 319 19.21 19.20 7.62
N ALA B 320 19.42 19.15 6.30
CA ALA B 320 20.77 19.05 5.77
C ALA B 320 21.62 20.26 6.12
N PHE B 321 21.01 21.40 6.40
CA PHE B 321 21.77 22.58 6.81
C PHE B 321 22.31 22.46 8.23
N SER B 322 21.90 21.44 8.99
CA SER B 322 22.45 21.19 10.31
C SER B 322 22.09 19.77 10.74
N PRO B 323 22.78 18.77 10.21
CA PRO B 323 22.41 17.38 10.54
C PRO B 323 22.81 16.96 11.94
N ASN B 324 23.32 17.91 12.74
CA ASN B 324 23.75 17.60 14.10
C ASN B 324 22.62 17.76 15.11
N ALA B 325 21.76 18.75 14.94
CA ALA B 325 20.63 18.94 15.84
C ALA B 325 19.53 17.90 15.65
N MET B 326 19.71 16.97 14.72
CA MET B 326 18.68 15.98 14.39
C MET B 326 18.44 15.00 15.53
N VAL B 327 19.33 14.02 15.68
CA VAL B 327 19.10 12.94 16.64
C VAL B 327 19.09 13.47 18.06
N PHE B 328 19.75 14.60 18.31
CA PHE B 328 19.77 15.17 19.65
C PHE B 328 18.50 15.96 19.95
N GLY B 329 18.06 16.79 19.00
CA GLY B 329 16.81 17.51 19.19
C GLY B 329 15.62 16.58 19.30
N PHE B 330 15.49 15.65 18.34
CA PHE B 330 14.45 14.63 18.43
C PHE B 330 14.65 13.74 19.65
N MET B 331 15.89 13.58 20.09
CA MET B 331 16.16 12.77 21.28
C MET B 331 15.54 13.42 22.52
N TRP B 332 15.85 14.68 22.77
CA TRP B 332 15.31 15.36 23.94
C TRP B 332 13.84 15.69 23.80
N GLY B 333 13.32 15.78 22.57
CA GLY B 333 11.89 15.85 22.39
C GLY B 333 11.20 14.56 22.79
N ALA B 334 11.79 13.42 22.41
CA ALA B 334 11.27 12.13 22.83
C ALA B 334 11.39 11.95 24.34
N ILE B 335 12.43 12.52 24.94
CA ILE B 335 12.54 12.50 26.40
C ILE B 335 11.44 13.33 27.03
N GLY B 336 11.16 14.50 26.45
CA GLY B 336 10.08 15.33 26.97
C GLY B 336 8.74 14.64 26.89
N GLN B 337 8.44 14.02 25.75
CA GLN B 337 7.19 13.27 25.62
C GLN B 337 7.15 12.07 26.55
N PHE B 338 8.31 11.45 26.80
CA PHE B 338 8.37 10.34 27.75
C PHE B 338 8.00 10.81 29.15
N VAL B 339 8.60 11.92 29.59
CA VAL B 339 8.27 12.46 30.91
C VAL B 339 6.80 12.86 30.99
N ALA B 340 6.29 13.47 29.92
CA ALA B 340 4.90 13.92 29.93
C ALA B 340 3.94 12.74 30.02
N VAL B 341 4.21 11.67 29.26
CA VAL B 341 3.35 10.49 29.36
C VAL B 341 3.48 9.84 30.72
N GLY B 342 4.68 9.89 31.32
CA GLY B 342 4.82 9.44 32.70
C GLY B 342 3.93 10.20 33.66
N LEU B 343 3.88 11.54 33.50
CA LEU B 343 3.00 12.34 34.34
C LEU B 343 1.54 12.01 34.09
N LEU B 344 1.16 11.77 32.82
CA LEU B 344 -0.22 11.43 32.53
C LEU B 344 -0.62 10.11 33.15
N LEU B 345 0.24 9.10 33.06
CA LEU B 345 -0.05 7.82 33.70
C LEU B 345 0.03 7.89 35.21
N GLY B 346 0.75 8.87 35.74
CA GLY B 346 0.84 9.07 37.18
C GLY B 346 -0.42 9.66 37.79
N PHE B 347 -0.93 10.76 37.20
CA PHE B 347 -2.10 11.46 37.74
C PHE B 347 -3.41 10.74 37.48
N SER B 348 -3.39 9.55 36.86
CA SER B 348 -4.61 8.84 36.49
C SER B 348 -5.52 9.72 35.65
N SER B 349 -4.92 10.42 34.69
CA SER B 349 -5.70 11.31 33.83
C SER B 349 -6.66 10.48 32.98
N PRO B 350 -7.88 10.98 32.74
CA PRO B 350 -8.85 10.21 31.95
C PRO B 350 -8.48 10.06 30.49
N ILE B 351 -7.35 10.61 30.06
CA ILE B 351 -6.93 10.54 28.66
C ILE B 351 -5.52 9.97 28.61
N LEU B 352 -5.36 8.87 27.87
CA LEU B 352 -4.05 8.24 27.67
C LEU B 352 -3.52 8.62 26.30
N ILE B 353 -2.26 9.06 26.26
CA ILE B 353 -1.64 9.55 25.04
C ILE B 353 -0.60 8.54 24.58
N ILE B 354 -0.70 8.13 23.32
CA ILE B 354 0.29 7.23 22.70
C ILE B 354 1.16 8.07 21.76
N PRO B 355 2.40 8.39 22.15
CA PRO B 355 3.23 9.25 21.30
C PRO B 355 3.61 8.57 20.00
N GLY B 356 3.84 9.39 18.97
CA GLY B 356 4.24 8.88 17.68
C GLY B 356 5.62 9.34 17.26
N PHE B 357 6.18 8.71 16.23
CA PHE B 357 7.54 9.04 15.81
C PHE B 357 7.58 10.35 15.01
N ILE B 358 6.54 10.59 14.20
CA ILE B 358 6.57 11.75 13.31
C ILE B 358 6.64 13.08 14.07
N PRO B 359 5.75 13.38 15.02
CA PRO B 359 5.86 14.68 15.71
C PRO B 359 7.12 14.82 16.53
N MET B 360 7.55 13.75 17.21
CA MET B 360 8.83 13.77 17.93
C MET B 360 9.96 14.17 17.00
N PHE B 361 10.23 13.33 16.00
CA PHE B 361 11.40 13.50 15.16
C PHE B 361 11.34 14.82 14.39
N PHE B 362 10.23 15.05 13.67
CA PHE B 362 10.18 16.21 12.80
C PHE B 362 9.99 17.50 13.59
N SER B 363 9.01 17.54 14.50
CA SER B 363 8.76 18.73 15.28
C SER B 363 9.97 19.06 16.16
N ASN B 364 10.33 18.15 17.07
CA ASN B 364 11.40 18.44 18.01
C ASN B 364 12.76 18.46 17.35
N ALA B 365 12.90 17.91 16.14
CA ALA B 365 14.15 18.01 15.41
C ALA B 365 14.28 19.35 14.70
N THR B 366 13.18 19.90 14.19
CA THR B 366 13.22 21.25 13.62
C THR B 366 13.43 22.28 14.71
N ILE B 367 12.69 22.17 15.82
CA ILE B 367 12.94 23.02 16.97
C ILE B 367 14.36 22.81 17.49
N GLY B 368 14.89 21.60 17.34
CA GLY B 368 16.29 21.39 17.66
C GLY B 368 17.22 22.12 16.71
N VAL B 369 16.84 22.25 15.45
CA VAL B 369 17.66 22.97 14.48
C VAL B 369 17.71 24.45 14.82
N PHE B 370 16.54 25.07 14.99
CA PHE B 370 16.52 26.50 15.29
C PHE B 370 17.09 26.79 16.67
N ALA B 371 16.74 25.99 17.67
CA ALA B 371 17.30 26.14 19.00
C ALA B 371 18.80 25.86 19.02
N ASN B 372 19.31 25.13 18.03
CA ASN B 372 20.74 24.88 17.92
C ASN B 372 21.44 26.09 17.31
N GLN B 373 20.90 26.59 16.20
CA GLN B 373 21.52 27.74 15.53
C GLN B 373 21.45 29.00 16.38
N PHE B 374 20.41 29.15 17.20
CA PHE B 374 20.24 30.34 18.01
C PHE B 374 20.57 30.14 19.49
N GLY B 375 20.78 28.90 19.94
CA GLY B 375 21.03 28.68 21.35
C GLY B 375 21.70 27.36 21.70
N GLY B 376 22.40 26.77 20.73
CA GLY B 376 23.20 25.59 20.97
C GLY B 376 22.48 24.40 21.59
N TRP B 377 23.30 23.43 21.99
CA TRP B 377 22.78 22.18 22.54
C TRP B 377 22.02 22.39 23.85
N LYS B 378 22.37 23.43 24.61
CA LYS B 378 21.64 23.71 25.84
C LYS B 378 20.22 24.16 25.54
N SER B 379 20.07 25.14 24.65
CA SER B 379 18.72 25.57 24.26
C SER B 379 17.96 24.44 23.57
N VAL B 380 18.67 23.57 22.86
CA VAL B 380 18.02 22.40 22.27
C VAL B 380 17.45 21.50 23.36
N MET B 381 18.27 21.19 24.37
CA MET B 381 17.83 20.32 25.46
C MET B 381 16.62 20.92 26.19
N LYS B 382 16.78 22.13 26.72
CA LYS B 382 15.71 22.74 27.51
C LYS B 382 14.48 23.00 26.68
N ILE B 383 14.63 23.80 25.61
CA ILE B 383 13.47 24.24 24.83
C ILE B 383 12.79 23.05 24.17
N CYS B 384 13.58 22.09 23.67
CA CYS B 384 12.98 20.93 23.03
C CYS B 384 12.27 20.03 24.04
N PHE B 385 12.85 19.87 25.23
CA PHE B 385 12.19 19.12 26.29
C PHE B 385 10.83 19.73 26.62
N ILE B 386 10.81 21.05 26.87
CA ILE B 386 9.55 21.75 27.12
C ILE B 386 8.60 21.58 25.95
N MET B 387 9.13 21.58 24.72
CA MET B 387 8.28 21.45 23.55
C MET B 387 7.59 20.09 23.53
N GLY B 388 8.32 19.02 23.87
CA GLY B 388 7.71 17.71 23.91
C GLY B 388 6.65 17.61 24.99
N ILE B 389 6.96 18.11 26.18
CA ILE B 389 5.97 18.09 27.27
C ILE B 389 4.70 18.82 26.85
N ILE B 390 4.86 20.02 26.29
CA ILE B 390 3.71 20.79 25.84
C ILE B 390 2.99 20.07 24.71
N GLU B 391 3.72 19.26 23.93
CA GLU B 391 3.10 18.49 22.86
C GLU B 391 2.12 17.47 23.44
N VAL B 392 2.62 16.61 24.32
CA VAL B 392 1.76 15.55 24.87
C VAL B 392 0.62 16.14 25.69
N LEU B 393 0.95 17.04 26.64
CA LEU B 393 -0.06 17.60 27.51
C LEU B 393 -1.08 18.41 26.72
N GLY B 394 -0.62 19.20 25.76
CA GLY B 394 -1.53 19.98 24.95
C GLY B 394 -2.44 19.13 24.09
N SER B 395 -1.91 18.03 23.56
CA SER B 395 -2.74 17.10 22.79
C SER B 395 -3.83 16.50 23.67
N ALA B 396 -3.44 16.01 24.86
CA ALA B 396 -4.43 15.46 25.77
C ALA B 396 -5.49 16.48 26.15
N TRP B 397 -5.07 17.73 26.39
CA TRP B 397 -6.00 18.81 26.68
C TRP B 397 -7.00 18.99 25.54
N VAL B 398 -6.50 19.09 24.31
CA VAL B 398 -7.38 19.25 23.16
C VAL B 398 -8.37 18.10 23.07
N ILE B 399 -7.89 16.87 23.32
CA ILE B 399 -8.79 15.72 23.27
C ILE B 399 -9.84 15.81 24.36
N HIS B 400 -9.49 16.38 25.52
CA HIS B 400 -10.49 16.64 26.55
C HIS B 400 -11.55 17.60 26.05
N LEU B 401 -11.13 18.67 25.36
CA LEU B 401 -12.10 19.58 24.77
C LEU B 401 -13.01 18.86 23.79
N LEU B 402 -12.42 18.08 22.87
CA LEU B 402 -13.22 17.35 21.88
C LEU B 402 -14.21 16.41 22.55
N ALA B 403 -13.81 15.76 23.64
CA ALA B 403 -14.72 14.87 24.34
C ALA B 403 -15.87 15.66 24.98
N THR B 404 -15.56 16.78 25.63
CA THR B 404 -16.62 17.56 26.26
C THR B 404 -17.46 18.33 25.25
N GLN B 405 -16.96 18.53 24.03
CA GLN B 405 -17.74 19.23 23.01
C GLN B 405 -18.81 18.35 22.38
N GLY B 406 -18.71 17.03 22.53
CA GLY B 406 -19.76 16.14 22.07
C GLY B 406 -19.37 15.18 20.97
N THR B 407 -18.10 14.77 20.95
CA THR B 407 -17.63 13.81 19.96
C THR B 407 -16.44 13.06 20.52
N THR B 408 -16.35 11.76 20.22
CA THR B 408 -15.23 10.93 20.63
C THR B 408 -14.17 10.95 19.54
N PHE B 409 -13.05 11.62 19.80
CA PHE B 409 -11.96 11.74 18.85
C PHE B 409 -10.73 11.04 19.42
N ASN B 410 -10.09 10.21 18.59
CA ASN B 410 -8.99 9.38 19.04
C ASN B 410 -7.62 9.82 18.54
N GLY B 411 -7.55 10.73 17.58
CA GLY B 411 -6.27 11.16 17.07
C GLY B 411 -6.04 12.66 17.19
N TRP B 412 -4.79 13.07 17.18
CA TRP B 412 -4.46 14.50 17.17
C TRP B 412 -3.13 14.69 16.46
N MET B 413 -2.95 15.89 15.89
CA MET B 413 -1.74 16.20 15.15
C MET B 413 -0.49 16.01 16.00
N GLY B 414 -0.52 16.51 17.24
CA GLY B 414 0.53 16.22 18.21
C GLY B 414 1.83 16.92 17.90
N MET B 415 1.79 17.80 16.90
CA MET B 415 2.98 18.56 16.53
C MET B 415 3.24 19.66 17.55
N ALA B 416 4.07 20.64 17.20
CA ALA B 416 4.43 21.68 18.14
C ALA B 416 3.47 22.87 18.09
N ASP B 417 3.03 23.27 16.89
CA ASP B 417 2.07 24.34 16.74
C ASP B 417 0.62 23.86 16.83
N TRP B 418 0.41 22.56 17.02
CA TRP B 418 -0.92 21.98 17.18
C TRP B 418 -1.14 21.43 18.58
N ALA B 419 -0.19 21.64 19.49
CA ALA B 419 -0.39 21.31 20.90
C ALA B 419 0.12 22.41 21.81
N LEU B 420 0.19 23.66 21.33
CA LEU B 420 0.74 24.78 22.09
C LEU B 420 0.04 26.07 21.73
N PHE B 421 -0.14 26.31 20.43
CA PHE B 421 -0.76 27.53 19.93
C PHE B 421 -2.23 27.35 19.55
N PHE B 422 -2.60 26.19 19.03
CA PHE B 422 -3.98 25.95 18.61
C PHE B 422 -4.89 25.45 19.74
N PRO B 423 -4.38 24.78 20.78
CA PRO B 423 -5.23 24.50 21.94
C PRO B 423 -5.84 25.77 22.53
N PRO B 424 -5.06 26.85 22.75
CA PRO B 424 -5.69 28.08 23.26
C PRO B 424 -6.65 28.72 22.26
N ILE B 425 -6.45 28.53 20.96
CA ILE B 425 -7.37 29.10 19.98
C ILE B 425 -8.69 28.34 19.97
N LEU B 426 -8.61 27.00 19.93
CA LEU B 426 -9.82 26.19 20.00
C LEU B 426 -10.57 26.46 21.28
N GLN B 427 -9.85 26.60 22.40
CA GLN B 427 -10.49 26.99 23.65
C GLN B 427 -11.10 28.39 23.55
N GLY B 428 -10.48 29.28 22.77
CA GLY B 428 -11.04 30.61 22.58
C GLY B 428 -12.36 30.58 21.83
N ILE B 429 -12.43 29.77 20.76
CA ILE B 429 -13.70 29.59 20.08
C ILE B 429 -14.72 28.92 21.00
N VAL B 430 -14.25 28.03 21.88
CA VAL B 430 -15.14 27.43 22.87
C VAL B 430 -15.75 28.50 23.77
N SER B 431 -14.93 29.46 24.22
CA SER B 431 -15.43 30.49 25.11
C SER B 431 -16.41 31.43 24.41
N ILE B 432 -15.95 32.14 23.39
CA ILE B 432 -16.76 33.15 22.73
C ILE B 432 -16.71 32.96 21.22
N PRO B 433 -17.80 33.25 20.49
CA PRO B 433 -17.71 33.31 19.03
C PRO B 433 -17.00 34.55 18.52
N GLY B 434 -16.84 35.57 19.36
CA GLY B 434 -16.10 36.76 19.01
C GLY B 434 -14.59 36.65 19.17
N PHE B 435 -14.10 35.51 19.66
CA PHE B 435 -12.67 35.29 19.75
C PHE B 435 -12.03 35.23 18.37
N PHE B 436 -12.79 34.78 17.36
CA PHE B 436 -12.26 34.71 16.00
C PHE B 436 -11.95 36.10 15.46
N PHE B 437 -12.87 37.05 15.65
CA PHE B 437 -12.62 38.41 15.20
C PHE B 437 -11.48 39.06 15.99
N VAL B 438 -11.29 38.65 17.24
CA VAL B 438 -10.12 39.08 18.00
C VAL B 438 -8.85 38.55 17.34
N LEU B 439 -8.87 37.29 16.90
CA LEU B 439 -7.74 36.75 16.15
C LEU B 439 -7.52 37.53 14.86
N LEU B 440 -8.60 38.02 14.23
CA LEU B 440 -8.44 38.84 13.04
C LEU B 440 -7.79 40.17 13.37
N THR B 441 -8.17 40.78 14.50
CA THR B 441 -7.53 42.02 14.92
C THR B 441 -6.05 41.81 15.21
N LEU B 442 -5.69 40.66 15.78
CA LEU B 442 -4.29 40.32 15.95
C LEU B 442 -3.60 40.15 14.61
N ALA B 443 -4.31 39.56 13.63
CA ALA B 443 -3.75 39.42 12.29
C ALA B 443 -3.49 40.78 11.66
N ILE B 444 -4.31 41.78 11.98
CA ILE B 444 -4.01 43.13 11.51
C ILE B 444 -2.86 43.73 12.29
N VAL B 445 -2.75 43.40 13.59
CA VAL B 445 -1.63 43.87 14.40
C VAL B 445 -0.30 43.44 13.80
N TYR B 446 -0.21 42.17 13.40
CA TYR B 446 1.01 41.73 12.71
C TYR B 446 1.06 42.22 11.27
N MET B 447 -0.10 42.46 10.66
CA MET B 447 -0.15 42.73 9.23
C MET B 447 0.34 44.13 8.90
N VAL B 448 -0.14 45.14 9.63
CA VAL B 448 0.27 46.52 9.36
C VAL B 448 1.76 46.71 9.65
N PHE B 449 2.23 46.15 10.77
CA PHE B 449 3.64 46.24 11.10
C PHE B 449 4.50 45.50 10.08
N ALA B 450 4.00 44.35 9.60
CA ALA B 450 4.71 43.64 8.53
C ALA B 450 4.77 44.48 7.26
N SER B 451 3.71 45.23 6.97
CA SER B 451 3.71 46.11 5.81
C SER B 451 4.75 47.22 5.96
N LYS B 452 4.79 47.86 7.14
CA LYS B 452 5.76 48.92 7.36
C LYS B 452 7.19 48.39 7.30
N GLN B 453 7.43 47.22 7.88
CA GLN B 453 8.78 46.64 7.83
C GLN B 453 9.16 46.24 6.41
N LEU B 454 8.20 45.79 5.60
CA LEU B 454 8.48 45.45 4.22
C LEU B 454 8.82 46.70 3.42
N ARG B 455 8.03 47.76 3.58
CA ARG B 455 8.30 49.01 2.86
C ARG B 455 9.63 49.61 3.27
N SER B 456 9.91 49.64 4.57
CA SER B 456 11.20 50.10 5.06
C SER B 456 12.32 49.07 4.87
N GLU B 457 12.01 47.92 4.26
CA GLU B 457 13.00 46.90 3.99
C GLU B 457 13.38 46.80 2.52
N GLU B 458 12.47 47.16 1.61
CA GLU B 458 12.80 47.20 0.18
C GLU B 458 13.33 48.58 -0.22
N ALA B 459 12.65 49.65 0.19
CA ALA B 459 13.10 50.99 -0.12
C ALA B 459 14.36 51.37 0.64
N ALA B 460 14.69 50.66 1.71
CA ALA B 460 15.89 50.93 2.48
C ALA B 460 16.77 49.70 2.59
#